data_4FTB
#
_entry.id   4FTB
#
_cell.length_a   327.660
_cell.length_b   327.660
_cell.length_c   774.490
_cell.angle_alpha   90.000
_cell.angle_beta   90.000
_cell.angle_gamma   120.000
#
_symmetry.space_group_name_H-M   'H 3'
#
loop_
_entity.id
_entity.type
_entity.pdbx_description
1 polymer 'Capsid protein beta'
2 polymer 'Capsid protein gamma'
3 polymer 'Flock House virus genomic RNA'
4 non-polymer 'CALCIUM ION'
5 non-polymer '4-(2-HYDROXYETHYL)-1-PIPERAZINE ETHANESULFONIC ACID'
6 non-polymer 'CHLORIDE ION'
7 water water
#
loop_
_entity_poly.entity_id
_entity_poly.type
_entity_poly.pdbx_seq_one_letter_code
_entity_poly.pdbx_strand_id
1 'polypeptide(L)'
;MVNNNRPRRQRAQRVVVTTTQTAPVPQQNVPRNGRRRRNRTRRNRRRVRGMNMAALTRLSQPGLAFLKCAFAPPDFNTDP
GKGIPDRFEGKVVSRKDVLNQSISFTAGQDTFILIAPTPGVAYWSASVPAGTFPTSATTFNPVNYPGFTSMFGTTSTSRS
DQVSSFRYASMNVGIYPTSNLMQFAGSITVWKCPVKLSTVQFPVATDPATSSLVHTLVGLDGVLAVGPDNFSESFIKGVF
SQSACNEPDFEFNDILEGIQTLPPANVSLGSTGQPFTMDSGAEATSGVVGWGNMDTIVIRVSAPEGAVNSAILKAWSCIE
YRPNPNAMLYQFGHDSPPLDEVALQEYRTVARSLPVAVIAAQN
;
A,B,C
2 'polypeptide(L)' ASMWERVKSIIKSSLAAASNIPGPIGVAASGISGLSALFEGFGF D,E,F
3 'polyribonucleotide' UUUCUCUUUUAUCUU R
#
# COMPACT_ATOMS: atom_id res chain seq x y z
N THR A 20 -28.14 41.77 2.63
CA THR A 20 -27.30 42.90 3.12
C THR A 20 -27.29 42.99 4.65
N GLN A 21 -28.40 42.61 5.29
CA GLN A 21 -28.52 42.68 6.75
C GLN A 21 -28.36 41.31 7.43
N THR A 22 -27.68 40.37 6.76
CA THR A 22 -27.48 39.03 7.32
C THR A 22 -26.01 38.81 7.74
N ALA A 23 -25.78 38.82 9.06
CA ALA A 23 -24.44 38.65 9.66
C ALA A 23 -23.72 37.36 9.24
N PRO A 24 -22.41 37.46 8.93
CA PRO A 24 -21.59 36.32 8.51
C PRO A 24 -21.46 35.26 9.59
N VAL A 25 -21.36 34.01 9.18
CA VAL A 25 -21.22 32.89 10.12
C VAL A 25 -19.74 32.77 10.52
N PRO A 26 -19.44 32.88 11.83
CA PRO A 26 -18.06 32.79 12.34
C PRO A 26 -17.37 31.45 12.01
N GLN A 27 -16.19 31.56 11.41
CA GLN A 27 -15.41 30.40 11.05
C GLN A 27 -14.19 30.29 11.95
N GLN A 28 -14.02 29.13 12.58
CA GLN A 28 -12.87 28.91 13.47
C GLN A 28 -11.98 27.76 12.97
N ASN A 29 -10.80 27.62 13.57
CA ASN A 29 -9.83 26.57 13.22
C ASN A 29 -9.35 26.61 11.77
N VAL A 30 -8.97 27.80 11.28
CA VAL A 30 -8.49 27.95 9.90
C VAL A 30 -6.96 27.93 9.87
N PRO A 31 -6.36 27.11 8.98
CA PRO A 31 -4.90 27.00 8.87
C PRO A 31 -4.17 28.30 8.54
N ARG A 32 -2.98 28.47 9.09
CA ARG A 32 -2.15 29.67 8.87
C ARG A 32 -0.67 29.33 8.78
N LEU A 56 27.92 18.08 -7.99
CA LEU A 56 28.47 17.04 -8.87
C LEU A 56 28.63 15.73 -8.09
N THR A 57 27.50 15.08 -7.78
CA THR A 57 27.53 13.82 -7.02
C THR A 57 27.53 12.56 -7.89
N ARG A 58 28.15 11.51 -7.37
CA ARG A 58 28.26 10.21 -8.03
C ARG A 58 27.62 9.09 -7.22
N LEU A 59 27.33 8.00 -7.90
CA LEU A 59 26.72 6.81 -7.33
C LEU A 59 27.55 6.00 -6.37
N SER A 60 26.86 5.37 -5.42
CA SER A 60 27.46 4.53 -4.40
C SER A 60 27.70 3.17 -5.03
N GLN A 61 28.53 2.34 -4.43
CA GLN A 61 28.77 1.03 -5.01
C GLN A 61 27.48 0.28 -5.18
N PRO A 62 26.70 0.14 -4.11
CA PRO A 62 25.43 -0.58 -4.21
C PRO A 62 24.46 0.08 -5.19
N GLY A 63 24.54 1.41 -5.30
CA GLY A 63 23.67 2.12 -6.22
C GLY A 63 24.02 1.85 -7.67
N LEU A 64 25.32 1.73 -7.92
CA LEU A 64 25.79 1.45 -9.27
C LEU A 64 25.46 -0.01 -9.62
N ALA A 65 25.67 -0.91 -8.66
CA ALA A 65 25.40 -2.32 -8.84
C ALA A 65 23.90 -2.53 -9.08
N PHE A 66 23.09 -1.74 -8.38
CA PHE A 66 21.65 -1.79 -8.51
C PHE A 66 21.25 -1.49 -9.95
N LEU A 67 21.92 -0.53 -10.57
CA LEU A 67 21.63 -0.16 -11.95
C LEU A 67 22.10 -1.23 -12.92
N LYS A 68 23.09 -2.01 -12.53
CA LYS A 68 23.58 -3.07 -13.39
C LYS A 68 22.64 -4.26 -13.34
N CYS A 69 22.29 -4.74 -12.13
CA CYS A 69 21.38 -5.89 -12.06
C CYS A 69 20.08 -5.48 -12.74
N ALA A 70 19.72 -4.21 -12.62
CA ALA A 70 18.48 -3.74 -13.21
C ALA A 70 18.41 -3.68 -14.73
N PHE A 71 19.48 -3.29 -15.40
CA PHE A 71 19.40 -3.17 -16.86
C PHE A 71 20.31 -4.00 -17.74
N ALA A 72 21.36 -4.59 -17.20
CA ALA A 72 22.23 -5.39 -18.05
C ALA A 72 22.92 -6.52 -17.32
N PRO A 73 22.18 -7.58 -16.93
CA PRO A 73 22.77 -8.72 -16.22
C PRO A 73 23.64 -9.68 -17.06
N PRO A 74 23.33 -9.85 -18.38
CA PRO A 74 24.15 -10.77 -19.18
C PRO A 74 25.55 -10.23 -19.43
N ASP A 75 25.71 -8.91 -19.24
CA ASP A 75 26.98 -8.20 -19.47
C ASP A 75 28.02 -8.38 -18.39
N PHE A 76 27.69 -9.06 -17.30
CA PHE A 76 28.63 -9.24 -16.22
C PHE A 76 28.96 -10.65 -15.80
N ASN A 77 30.23 -10.85 -15.49
CA ASN A 77 30.78 -12.12 -15.06
C ASN A 77 30.03 -12.60 -13.84
N THR A 78 29.56 -11.67 -13.02
CA THR A 78 28.82 -12.00 -11.82
C THR A 78 27.64 -11.07 -11.62
N ASP A 79 26.75 -11.51 -10.73
CA ASP A 79 25.62 -10.65 -10.51
C ASP A 79 26.21 -9.48 -9.78
N PRO A 80 26.11 -8.31 -10.36
CA PRO A 80 26.66 -7.14 -9.67
C PRO A 80 25.77 -6.69 -8.50
N GLY A 81 24.48 -7.03 -8.58
CA GLY A 81 23.48 -6.68 -7.58
C GLY A 81 23.83 -6.84 -6.10
N LYS A 82 23.28 -5.95 -5.27
CA LYS A 82 23.56 -5.96 -3.84
C LYS A 82 22.35 -5.52 -3.00
N GLY A 83 21.29 -5.06 -3.67
CA GLY A 83 20.11 -4.62 -2.94
C GLY A 83 19.59 -3.31 -3.50
N ILE A 84 18.50 -2.80 -2.92
CA ILE A 84 17.91 -1.56 -3.37
C ILE A 84 18.35 -0.37 -2.49
N PRO A 85 19.09 0.55 -3.11
CA PRO A 85 19.63 1.75 -2.47
C PRO A 85 18.55 2.78 -2.22
N ASP A 86 17.50 2.36 -1.55
CA ASP A 86 16.42 3.28 -1.22
C ASP A 86 16.49 3.42 0.30
N ARG A 87 15.63 4.28 0.83
CA ARG A 87 15.59 4.55 2.26
C ARG A 87 15.71 3.33 3.18
N PHE A 88 15.03 2.24 2.86
CA PHE A 88 15.03 1.03 3.68
C PHE A 88 16.42 0.41 3.82
N GLU A 89 16.76 0.08 5.07
CA GLU A 89 18.04 -0.53 5.40
C GLU A 89 17.92 -1.70 6.38
N GLY A 90 16.77 -2.39 6.38
CA GLY A 90 16.59 -3.53 7.27
C GLY A 90 17.20 -4.82 6.73
N LYS A 91 17.04 -5.89 7.48
CA LYS A 91 17.58 -7.16 7.06
C LYS A 91 16.89 -7.73 5.84
N VAL A 92 17.69 -8.19 4.90
CA VAL A 92 17.16 -8.77 3.67
C VAL A 92 18.13 -9.84 3.19
N VAL A 93 17.66 -10.60 2.21
CA VAL A 93 18.48 -11.63 1.59
C VAL A 93 18.26 -11.36 0.11
N SER A 94 19.35 -11.12 -0.60
CA SER A 94 19.26 -10.85 -2.03
C SER A 94 19.43 -12.13 -2.80
N ARG A 95 18.41 -12.52 -3.54
CA ARG A 95 18.52 -13.73 -4.34
C ARG A 95 18.48 -13.33 -5.80
N LYS A 96 19.47 -13.80 -6.55
CA LYS A 96 19.57 -13.52 -7.97
C LYS A 96 19.18 -14.79 -8.71
N ASP A 97 17.93 -14.84 -9.15
CA ASP A 97 17.39 -15.99 -9.86
C ASP A 97 17.69 -15.93 -11.35
N VAL A 98 18.18 -17.04 -11.88
CA VAL A 98 18.49 -17.11 -13.29
C VAL A 98 17.99 -18.45 -13.81
N LEU A 99 17.42 -18.41 -15.01
CA LEU A 99 16.89 -19.61 -15.65
C LEU A 99 17.42 -19.77 -17.05
N ASN A 100 17.87 -20.98 -17.38
CA ASN A 100 18.34 -21.30 -18.72
C ASN A 100 17.42 -22.41 -19.20
N GLN A 101 16.64 -22.10 -20.23
CA GLN A 101 15.68 -23.03 -20.78
C GLN A 101 15.81 -23.24 -22.27
N SER A 102 16.10 -24.47 -22.70
CA SER A 102 16.24 -24.73 -24.12
C SER A 102 14.80 -24.98 -24.50
N ILE A 103 14.30 -24.32 -25.54
CA ILE A 103 12.92 -24.55 -25.92
C ILE A 103 12.64 -24.60 -27.42
N SER A 104 11.61 -25.32 -27.81
CA SER A 104 11.23 -25.46 -29.22
C SER A 104 9.83 -24.93 -29.41
N PHE A 105 9.63 -24.06 -30.40
CA PHE A 105 8.32 -23.51 -30.62
C PHE A 105 7.57 -24.28 -31.70
N THR A 106 6.37 -24.71 -31.30
CA THR A 106 5.47 -25.46 -32.16
C THR A 106 5.13 -24.65 -33.39
N ALA A 107 5.34 -25.22 -34.57
CA ALA A 107 5.04 -24.52 -35.81
C ALA A 107 3.53 -24.34 -35.97
N GLY A 108 3.13 -23.27 -36.65
CA GLY A 108 1.71 -23.01 -36.85
C GLY A 108 1.04 -22.46 -35.60
N GLN A 109 1.84 -22.28 -34.56
CA GLN A 109 1.37 -21.77 -33.27
C GLN A 109 1.99 -20.41 -32.96
N ASP A 110 1.29 -19.66 -32.12
CA ASP A 110 1.77 -18.37 -31.63
C ASP A 110 1.93 -18.64 -30.15
N THR A 111 3.18 -18.78 -29.71
CA THR A 111 3.46 -19.05 -28.32
C THR A 111 3.57 -17.76 -27.52
N PHE A 112 2.85 -17.70 -26.39
CA PHE A 112 2.86 -16.52 -25.54
C PHE A 112 3.58 -16.80 -24.24
N ILE A 113 4.64 -16.01 -23.99
CA ILE A 113 5.42 -16.13 -22.76
C ILE A 113 5.19 -14.90 -21.91
N LEU A 114 4.97 -15.12 -20.62
CA LEU A 114 4.72 -14.04 -19.68
C LEU A 114 5.76 -14.00 -18.57
N ILE A 115 6.56 -12.94 -18.55
CA ILE A 115 7.55 -12.79 -17.49
C ILE A 115 6.82 -11.93 -16.45
N ALA A 116 6.24 -12.60 -15.45
CA ALA A 116 5.50 -11.88 -14.43
C ALA A 116 6.21 -11.88 -13.08
N PRO A 117 5.89 -10.86 -12.25
CA PRO A 117 6.47 -10.69 -10.92
C PRO A 117 6.01 -11.74 -9.91
N THR A 118 6.09 -13.01 -10.30
CA THR A 118 5.72 -14.12 -9.43
C THR A 118 7.00 -14.77 -8.93
N PRO A 119 7.36 -14.50 -7.66
CA PRO A 119 8.57 -15.04 -7.04
C PRO A 119 8.71 -16.55 -7.26
N GLY A 120 9.91 -16.97 -7.63
CA GLY A 120 10.16 -18.39 -7.84
C GLY A 120 9.87 -18.92 -9.23
N VAL A 121 8.92 -18.29 -9.91
CA VAL A 121 8.51 -18.69 -11.25
C VAL A 121 9.08 -17.78 -12.32
N ALA A 122 9.94 -18.35 -13.17
CA ALA A 122 10.58 -17.60 -14.25
C ALA A 122 9.56 -16.99 -15.20
N TYR A 123 8.72 -17.83 -15.78
CA TYR A 123 7.70 -17.37 -16.72
C TYR A 123 6.50 -18.29 -16.81
N TRP A 124 5.49 -17.82 -17.52
CA TRP A 124 4.26 -18.56 -17.74
C TRP A 124 4.09 -18.68 -19.24
N SER A 125 3.70 -19.85 -19.70
CA SER A 125 3.56 -20.07 -21.12
C SER A 125 2.23 -20.70 -21.55
N ALA A 126 1.93 -20.57 -22.83
CA ALA A 126 0.72 -21.12 -23.45
C ALA A 126 0.84 -20.81 -24.92
N SER A 127 0.31 -21.66 -25.80
CA SER A 127 0.36 -21.37 -27.23
C SER A 127 -1.03 -21.50 -27.82
N VAL A 128 -1.29 -20.69 -28.83
CA VAL A 128 -2.58 -20.70 -29.50
C VAL A 128 -2.33 -20.74 -31.00
N PRO A 129 -3.35 -21.11 -31.78
CA PRO A 129 -3.14 -21.16 -33.22
C PRO A 129 -2.58 -19.84 -33.76
N ALA A 130 -1.65 -19.94 -34.70
CA ALA A 130 -1.03 -18.78 -35.30
C ALA A 130 -2.08 -17.74 -35.66
N GLY A 131 -1.77 -16.47 -35.44
CA GLY A 131 -2.69 -15.39 -35.75
C GLY A 131 -3.70 -15.05 -34.66
N THR A 132 -3.72 -15.82 -33.59
CA THR A 132 -4.69 -15.54 -32.52
C THR A 132 -4.01 -15.19 -31.20
N PHE A 133 -4.85 -14.85 -30.22
CA PHE A 133 -4.39 -14.50 -28.87
C PHE A 133 -5.10 -15.38 -27.87
N PRO A 134 -4.60 -15.40 -26.63
CA PRO A 134 -5.21 -16.23 -25.58
C PRO A 134 -6.71 -15.96 -25.52
N THR A 135 -7.49 -17.02 -25.29
CA THR A 135 -8.93 -16.90 -25.18
C THR A 135 -9.28 -17.45 -23.82
N SER A 136 -10.56 -17.43 -23.50
CA SER A 136 -11.03 -17.94 -22.21
C SER A 136 -10.65 -19.41 -22.09
N ALA A 137 -10.49 -20.03 -23.25
CA ALA A 137 -10.14 -21.44 -23.33
C ALA A 137 -8.66 -21.68 -23.04
N THR A 138 -7.89 -20.60 -22.86
CA THR A 138 -6.45 -20.72 -22.62
C THR A 138 -6.07 -20.80 -21.14
N THR A 139 -4.96 -21.52 -20.89
CA THR A 139 -4.41 -21.69 -19.55
C THR A 139 -2.88 -21.61 -19.57
N PHE A 140 -2.33 -20.68 -18.78
CA PHE A 140 -0.89 -20.51 -18.70
C PHE A 140 -0.29 -21.36 -17.60
N ASN A 141 0.89 -21.92 -17.91
CA ASN A 141 1.58 -22.78 -16.98
C ASN A 141 2.96 -22.25 -16.68
N PRO A 142 3.34 -22.28 -15.42
CA PRO A 142 4.61 -21.74 -14.94
C PRO A 142 5.83 -22.63 -15.13
N VAL A 143 6.96 -21.99 -15.39
CA VAL A 143 8.24 -22.68 -15.47
C VAL A 143 9.00 -22.12 -14.28
N ASN A 144 9.35 -23.00 -13.34
CA ASN A 144 10.04 -22.58 -12.12
C ASN A 144 11.51 -22.20 -12.25
N TYR A 145 11.95 -21.29 -11.38
CA TYR A 145 13.35 -20.91 -11.32
C TYR A 145 13.92 -22.07 -10.53
N PRO A 146 15.21 -22.32 -10.66
CA PRO A 146 15.80 -23.44 -9.90
C PRO A 146 15.63 -23.23 -8.40
N GLY A 147 15.29 -24.30 -7.70
CA GLY A 147 15.09 -24.26 -6.26
C GLY A 147 13.78 -23.75 -5.72
N PHE A 148 12.74 -23.76 -6.53
CA PHE A 148 11.46 -23.27 -6.04
C PHE A 148 11.03 -23.87 -4.69
N THR A 149 11.09 -25.19 -4.57
CA THR A 149 10.69 -25.84 -3.34
C THR A 149 11.56 -25.49 -2.14
N SER A 150 12.85 -25.30 -2.37
CA SER A 150 13.77 -24.96 -1.28
C SER A 150 13.44 -23.59 -0.66
N MET A 151 12.74 -22.76 -1.43
CA MET A 151 12.34 -21.44 -1.00
C MET A 151 10.90 -21.40 -0.51
N PHE A 152 10.01 -22.08 -1.23
CA PHE A 152 8.61 -22.03 -0.87
C PHE A 152 7.88 -23.30 -0.46
N GLY A 153 8.62 -24.32 -0.05
CA GLY A 153 8.00 -25.55 0.38
C GLY A 153 7.34 -26.39 -0.68
N THR A 154 6.56 -27.37 -0.22
CA THR A 154 5.87 -28.29 -1.12
C THR A 154 4.36 -28.32 -0.93
N THR A 155 3.86 -27.44 -0.09
CA THR A 155 2.43 -27.33 0.18
C THR A 155 2.01 -25.93 -0.18
N SER A 156 0.76 -25.75 -0.57
CA SER A 156 0.31 -24.42 -0.93
C SER A 156 0.21 -23.52 0.31
N THR A 157 0.49 -24.06 1.49
CA THR A 157 0.43 -23.27 2.71
C THR A 157 1.79 -23.25 3.43
N SER A 158 2.84 -23.52 2.66
CA SER A 158 4.20 -23.53 3.19
C SER A 158 4.98 -22.38 2.57
N ARG A 159 4.34 -21.61 1.72
CA ARG A 159 5.02 -20.51 1.07
C ARG A 159 5.76 -19.50 1.90
N SER A 160 5.27 -19.19 3.07
CA SER A 160 5.95 -18.20 3.91
C SER A 160 6.77 -18.81 5.04
N ASP A 161 7.31 -20.00 4.83
CA ASP A 161 8.10 -20.63 5.88
C ASP A 161 9.53 -20.12 5.94
N GLN A 162 10.07 -19.74 4.79
CA GLN A 162 11.45 -19.22 4.74
C GLN A 162 11.52 -17.69 4.75
N VAL A 163 10.67 -17.07 3.94
CA VAL A 163 10.61 -15.62 3.81
C VAL A 163 9.17 -15.14 4.01
N SER A 164 9.00 -13.94 4.56
CA SER A 164 7.66 -13.41 4.80
C SER A 164 7.18 -12.40 3.76
N SER A 165 8.11 -11.68 3.14
CA SER A 165 7.74 -10.70 2.13
C SER A 165 8.90 -10.46 1.17
N PHE A 166 8.69 -9.63 0.16
CA PHE A 166 9.72 -9.42 -0.85
C PHE A 166 9.48 -8.15 -1.69
N ARG A 167 10.45 -7.87 -2.54
CA ARG A 167 10.36 -6.76 -3.46
C ARG A 167 11.37 -6.97 -4.56
N TYR A 168 10.91 -6.83 -5.80
CA TYR A 168 11.73 -7.01 -6.97
C TYR A 168 12.63 -5.82 -7.21
N ALA A 169 13.89 -6.10 -7.56
CA ALA A 169 14.85 -5.05 -7.87
C ALA A 169 15.00 -5.02 -9.39
N SER A 170 14.82 -6.18 -10.02
CA SER A 170 14.92 -6.29 -11.47
C SER A 170 14.24 -7.54 -12.00
N MET A 171 13.90 -7.50 -13.29
CA MET A 171 13.26 -8.61 -13.97
C MET A 171 13.62 -8.49 -15.44
N ASN A 172 14.49 -9.38 -15.90
CA ASN A 172 14.95 -9.33 -17.28
C ASN A 172 14.68 -10.66 -17.97
N VAL A 173 14.70 -10.63 -19.30
CA VAL A 173 14.47 -11.82 -20.09
C VAL A 173 15.20 -11.72 -21.41
N GLY A 174 15.67 -12.87 -21.90
CA GLY A 174 16.38 -12.90 -23.16
C GLY A 174 16.06 -14.18 -23.91
N ILE A 175 16.03 -14.08 -25.24
CA ILE A 175 15.78 -15.23 -26.10
C ILE A 175 16.86 -15.31 -27.16
N TYR A 176 17.64 -16.39 -27.10
CA TYR A 176 18.75 -16.59 -28.02
C TYR A 176 18.50 -17.75 -28.98
N PRO A 177 18.08 -17.43 -30.22
CA PRO A 177 17.81 -18.45 -31.24
C PRO A 177 18.96 -19.42 -31.47
N THR A 178 18.65 -20.71 -31.57
CA THR A 178 19.65 -21.74 -31.81
C THR A 178 19.40 -22.41 -33.18
N SER A 179 18.34 -21.99 -33.85
CA SER A 179 17.97 -22.52 -35.17
C SER A 179 18.98 -22.09 -36.22
N ASN A 180 19.11 -22.92 -37.26
CA ASN A 180 20.01 -22.65 -38.35
C ASN A 180 19.29 -21.59 -39.16
N LEU A 181 19.99 -20.93 -40.07
CA LEU A 181 19.36 -19.88 -40.89
C LEU A 181 18.19 -20.27 -41.79
N MET A 182 18.26 -21.42 -42.45
CA MET A 182 17.18 -21.86 -43.36
C MET A 182 16.00 -22.63 -42.76
N GLN A 183 16.09 -23.03 -41.49
CA GLN A 183 15.01 -23.77 -40.85
C GLN A 183 14.03 -22.92 -40.05
N PHE A 184 14.47 -21.76 -39.59
CA PHE A 184 13.59 -20.90 -38.81
C PHE A 184 12.70 -20.09 -39.74
N ALA A 185 11.75 -19.39 -39.14
CA ALA A 185 10.82 -18.52 -39.85
C ALA A 185 9.95 -17.95 -38.75
N GLY A 186 9.54 -16.70 -38.89
CA GLY A 186 8.70 -16.12 -37.85
C GLY A 186 9.19 -14.83 -37.21
N SER A 187 8.56 -14.49 -36.09
CA SER A 187 8.85 -13.25 -35.39
C SER A 187 8.81 -13.36 -33.87
N ILE A 188 9.39 -12.35 -33.23
CA ILE A 188 9.35 -12.24 -31.77
C ILE A 188 8.78 -10.84 -31.55
N THR A 189 7.78 -10.75 -30.69
CA THR A 189 7.15 -9.47 -30.42
C THR A 189 7.04 -9.27 -28.92
N VAL A 190 7.46 -8.09 -28.45
CA VAL A 190 7.42 -7.81 -27.02
C VAL A 190 6.71 -6.52 -26.66
N TRP A 191 5.95 -6.56 -25.58
CA TRP A 191 5.26 -5.40 -25.07
C TRP A 191 5.07 -5.63 -23.57
N LYS A 192 4.81 -4.58 -22.82
CA LYS A 192 4.67 -4.71 -21.38
C LYS A 192 3.31 -4.34 -20.82
N CYS A 193 2.83 -5.15 -19.87
CA CYS A 193 1.52 -4.95 -19.28
C CYS A 193 1.46 -4.66 -17.79
N PRO A 194 0.62 -3.68 -17.40
CA PRO A 194 0.45 -3.30 -16.01
C PRO A 194 -0.46 -4.27 -15.26
N VAL A 195 -0.09 -5.54 -15.23
CA VAL A 195 -0.92 -6.54 -14.54
C VAL A 195 -0.75 -6.43 -13.04
N LYS A 196 -1.87 -6.30 -12.33
CA LYS A 196 -1.86 -6.18 -10.89
C LYS A 196 -2.73 -7.29 -10.31
N LEU A 197 -2.45 -7.68 -9.07
CA LEU A 197 -3.26 -8.70 -8.43
C LEU A 197 -4.28 -8.00 -7.55
N SER A 198 -5.53 -7.91 -8.02
CA SER A 198 -6.59 -7.24 -7.27
C SER A 198 -7.56 -8.27 -6.66
N THR A 199 -8.83 -7.90 -6.52
CA THR A 199 -9.84 -8.79 -5.97
C THR A 199 -11.18 -8.57 -6.66
N VAL A 200 -12.04 -9.58 -6.59
CA VAL A 200 -13.37 -9.49 -7.16
C VAL A 200 -14.38 -9.85 -6.07
N GLN A 201 -15.52 -9.16 -6.11
CA GLN A 201 -16.59 -9.35 -5.14
C GLN A 201 -17.89 -9.79 -5.81
N PHE A 202 -18.36 -10.97 -5.46
CA PHE A 202 -19.62 -11.50 -6.01
C PHE A 202 -20.36 -12.33 -4.97
N PRO A 203 -21.69 -12.42 -5.09
CA PRO A 203 -22.50 -13.19 -4.15
C PRO A 203 -22.59 -14.67 -4.55
N VAL A 204 -22.75 -15.53 -3.55
CA VAL A 204 -22.87 -16.97 -3.80
C VAL A 204 -24.13 -17.48 -3.10
N ALA A 205 -24.97 -18.19 -3.85
CA ALA A 205 -26.21 -18.71 -3.29
C ALA A 205 -26.01 -19.97 -2.46
N THR A 206 -25.33 -19.83 -1.33
CA THR A 206 -25.13 -20.96 -0.44
C THR A 206 -26.20 -20.78 0.60
N ASP A 207 -26.20 -21.63 1.62
CA ASP A 207 -27.19 -21.49 2.67
C ASP A 207 -26.53 -21.46 4.05
N PRO A 208 -26.59 -20.29 4.72
CA PRO A 208 -27.24 -19.07 4.22
C PRO A 208 -26.52 -18.39 3.06
N ALA A 209 -27.23 -17.46 2.41
CA ALA A 209 -26.68 -16.71 1.28
C ALA A 209 -25.34 -16.10 1.71
N THR A 210 -24.34 -16.15 0.85
CA THR A 210 -23.04 -15.58 1.20
C THR A 210 -22.41 -14.73 0.12
N SER A 211 -21.38 -13.99 0.49
CA SER A 211 -20.66 -13.10 -0.42
C SER A 211 -19.19 -13.52 -0.52
N SER A 212 -18.69 -13.63 -1.73
CA SER A 212 -17.31 -14.03 -1.94
C SER A 212 -16.39 -12.93 -2.39
N LEU A 213 -15.15 -13.02 -1.95
CA LEU A 213 -14.11 -12.06 -2.27
C LEU A 213 -12.90 -12.92 -2.56
N VAL A 214 -12.37 -12.82 -3.77
CA VAL A 214 -11.21 -13.64 -4.12
C VAL A 214 -10.24 -12.89 -5.01
N HIS A 215 -9.00 -13.38 -5.05
CA HIS A 215 -7.98 -12.75 -5.87
C HIS A 215 -8.42 -12.77 -7.32
N THR A 216 -7.94 -11.81 -8.08
CA THR A 216 -8.25 -11.75 -9.49
C THR A 216 -7.23 -10.82 -10.14
N LEU A 217 -6.63 -11.28 -11.23
CA LEU A 217 -5.65 -10.48 -11.94
C LEU A 217 -6.31 -9.47 -12.88
N VAL A 218 -6.01 -8.20 -12.65
CA VAL A 218 -6.53 -7.12 -13.48
C VAL A 218 -5.42 -6.70 -14.44
N GLY A 219 -5.77 -6.38 -15.68
CA GLY A 219 -4.77 -5.95 -16.63
C GLY A 219 -4.32 -7.01 -17.61
N LEU A 220 -4.83 -8.24 -17.43
CA LEU A 220 -4.50 -9.36 -18.29
C LEU A 220 -5.02 -9.17 -19.71
N ASP A 221 -6.09 -8.40 -19.84
CA ASP A 221 -6.68 -8.15 -21.13
C ASP A 221 -5.66 -7.50 -22.05
N GLY A 222 -4.58 -6.98 -21.47
CA GLY A 222 -3.55 -6.33 -22.27
C GLY A 222 -2.75 -7.31 -23.10
N VAL A 223 -2.88 -8.60 -22.79
CA VAL A 223 -2.16 -9.65 -23.50
C VAL A 223 -2.90 -10.05 -24.78
N LEU A 224 -4.16 -9.65 -24.90
CA LEU A 224 -4.95 -10.04 -26.04
C LEU A 224 -4.76 -9.18 -27.28
N ALA A 225 -3.69 -8.40 -27.29
CA ALA A 225 -3.39 -7.56 -28.44
C ALA A 225 -1.96 -7.08 -28.30
N VAL A 226 -1.30 -6.80 -29.41
CA VAL A 226 0.08 -6.34 -29.38
C VAL A 226 0.09 -4.87 -28.93
N GLY A 227 0.70 -4.59 -27.78
CA GLY A 227 0.74 -3.22 -27.27
C GLY A 227 1.34 -2.23 -28.26
N PRO A 228 0.81 -1.00 -28.35
CA PRO A 228 1.37 -0.02 -29.29
C PRO A 228 2.86 0.22 -29.06
N ASP A 229 3.31 0.14 -27.81
CA ASP A 229 4.73 0.31 -27.49
C ASP A 229 5.29 -1.11 -27.51
N ASN A 230 5.97 -1.48 -28.58
CA ASN A 230 6.48 -2.84 -28.69
C ASN A 230 7.72 -3.01 -29.56
N PHE A 231 8.35 -4.17 -29.41
CA PHE A 231 9.53 -4.55 -30.17
C PHE A 231 9.00 -5.68 -31.05
N SER A 232 9.39 -5.68 -32.31
CA SER A 232 8.96 -6.71 -33.20
C SER A 232 10.07 -6.95 -34.19
N GLU A 233 10.51 -8.18 -34.32
CA GLU A 233 11.59 -8.48 -35.25
C GLU A 233 11.72 -9.96 -35.59
N SER A 234 12.48 -10.29 -36.61
CA SER A 234 12.68 -11.66 -37.04
C SER A 234 13.06 -12.51 -35.84
N PHE A 235 12.45 -13.68 -35.76
CA PHE A 235 12.72 -14.59 -34.66
C PHE A 235 14.21 -14.84 -34.49
N ILE A 236 14.90 -15.07 -35.59
CA ILE A 236 16.32 -15.38 -35.55
C ILE A 236 17.21 -14.33 -34.87
N LYS A 237 16.77 -13.07 -34.87
CA LYS A 237 17.54 -12.00 -34.25
C LYS A 237 17.50 -12.04 -32.73
N GLY A 238 16.63 -12.88 -32.19
CA GLY A 238 16.52 -12.99 -30.74
C GLY A 238 15.96 -11.72 -30.11
N VAL A 239 16.10 -11.62 -28.80
CA VAL A 239 15.62 -10.47 -28.07
C VAL A 239 16.09 -10.45 -26.62
N PHE A 240 16.15 -9.23 -26.06
CA PHE A 240 16.53 -9.02 -24.67
C PHE A 240 15.66 -7.86 -24.22
N SER A 241 15.05 -7.99 -23.05
CA SER A 241 14.21 -6.93 -22.55
C SER A 241 14.19 -6.96 -21.04
N GLN A 242 13.74 -5.87 -20.46
CA GLN A 242 13.68 -5.78 -19.02
C GLN A 242 12.48 -5.01 -18.55
N SER A 243 12.04 -5.29 -17.35
CA SER A 243 10.90 -4.61 -16.77
C SER A 243 11.44 -3.59 -15.77
N ALA A 244 10.53 -2.91 -15.06
CA ALA A 244 10.93 -1.92 -14.08
C ALA A 244 9.81 -1.66 -13.10
N CYS A 245 10.18 -1.22 -11.90
CA CYS A 245 9.22 -0.93 -10.85
C CYS A 245 8.07 -0.09 -11.39
N ASN A 246 6.84 -0.54 -11.21
CA ASN A 246 5.71 0.21 -11.70
C ASN A 246 5.06 1.06 -10.64
N GLU A 247 5.81 1.30 -9.59
CA GLU A 247 5.33 2.09 -8.47
C GLU A 247 6.36 3.23 -8.25
N PRO A 248 5.96 4.35 -7.63
CA PRO A 248 6.91 5.45 -7.41
C PRO A 248 8.04 5.08 -6.45
N ASP A 249 7.92 3.92 -5.79
CA ASP A 249 8.95 3.45 -4.88
C ASP A 249 8.88 1.94 -4.65
N PHE A 250 9.92 1.39 -4.05
CA PHE A 250 10.01 -0.04 -3.81
C PHE A 250 9.43 -0.55 -2.50
N GLU A 251 8.11 -0.56 -2.39
CA GLU A 251 7.47 -1.06 -1.18
C GLU A 251 7.51 -2.59 -1.18
N PHE A 252 7.49 -3.18 0.01
CA PHE A 252 7.51 -4.64 0.16
C PHE A 252 6.12 -5.19 -0.02
N ASN A 253 6.05 -6.35 -0.66
CA ASN A 253 4.78 -7.04 -0.88
C ASN A 253 4.88 -8.30 -0.04
N ASP A 254 3.75 -8.77 0.48
CA ASP A 254 3.76 -9.96 1.32
C ASP A 254 3.69 -11.26 0.55
N ILE A 255 4.15 -12.33 1.17
CA ILE A 255 4.10 -13.65 0.57
C ILE A 255 2.63 -14.08 0.71
N LEU A 256 2.10 -14.73 -0.33
CA LEU A 256 0.71 -15.18 -0.34
C LEU A 256 0.58 -16.69 -0.17
N GLU A 257 -0.27 -17.11 0.77
CA GLU A 257 -0.46 -18.52 1.00
C GLU A 257 -1.68 -19.06 0.25
N GLY A 258 -1.62 -20.35 -0.07
CA GLY A 258 -2.72 -21.04 -0.74
C GLY A 258 -3.02 -20.90 -2.21
N ILE A 259 -2.38 -19.97 -2.91
CA ILE A 259 -2.70 -19.80 -4.33
C ILE A 259 -2.04 -20.81 -5.27
N GLN A 260 -2.87 -21.58 -5.96
CA GLN A 260 -2.39 -22.58 -6.91
C GLN A 260 -2.95 -22.25 -8.28
N THR A 261 -4.12 -21.61 -8.30
CA THR A 261 -4.75 -21.23 -9.55
C THR A 261 -5.53 -19.94 -9.44
N LEU A 262 -5.64 -19.24 -10.57
CA LEU A 262 -6.38 -17.99 -10.69
C LEU A 262 -7.05 -18.06 -12.06
N PRO A 263 -8.39 -18.22 -12.10
CA PRO A 263 -9.34 -18.32 -10.98
C PRO A 263 -9.03 -19.44 -10.00
N PRO A 264 -9.28 -19.20 -8.70
CA PRO A 264 -9.00 -20.26 -7.73
C PRO A 264 -10.03 -21.39 -7.89
N ALA A 265 -9.78 -22.52 -7.23
CA ALA A 265 -10.70 -23.65 -7.29
C ALA A 265 -12.09 -23.22 -6.84
N ASN A 266 -13.11 -23.73 -7.52
CA ASN A 266 -14.51 -23.43 -7.20
C ASN A 266 -14.97 -22.05 -7.65
N VAL A 267 -14.19 -21.39 -8.52
CA VAL A 267 -14.56 -20.07 -9.03
C VAL A 267 -14.51 -20.12 -10.55
N SER A 268 -15.56 -19.63 -11.20
CA SER A 268 -15.59 -19.67 -12.65
C SER A 268 -14.84 -18.47 -13.20
N LEU A 269 -14.22 -18.66 -14.36
CA LEU A 269 -13.49 -17.58 -14.99
C LEU A 269 -14.43 -16.39 -15.22
N GLY A 270 -15.71 -16.68 -15.40
CA GLY A 270 -16.68 -15.62 -15.62
C GLY A 270 -16.79 -14.71 -14.42
N SER A 271 -16.71 -15.29 -13.23
CA SER A 271 -16.81 -14.56 -11.98
C SER A 271 -15.68 -13.56 -11.78
N THR A 272 -14.48 -13.92 -12.24
CA THR A 272 -13.30 -13.09 -12.06
C THR A 272 -13.05 -11.94 -13.02
N GLY A 273 -13.54 -12.05 -14.24
CA GLY A 273 -13.29 -10.98 -15.19
C GLY A 273 -11.95 -11.17 -15.87
N GLN A 274 -11.23 -12.25 -15.56
CA GLN A 274 -9.95 -12.49 -16.21
C GLN A 274 -10.20 -13.04 -17.59
N PRO A 275 -9.36 -12.69 -18.58
CA PRO A 275 -9.53 -13.20 -19.94
C PRO A 275 -9.10 -14.65 -20.11
N PHE A 276 -8.29 -15.16 -19.17
CA PHE A 276 -7.84 -16.53 -19.24
C PHE A 276 -7.35 -17.04 -17.89
N THR A 277 -6.80 -18.25 -17.87
CA THR A 277 -6.39 -18.88 -16.63
C THR A 277 -4.89 -19.05 -16.37
N MET A 278 -4.54 -18.96 -15.10
CA MET A 278 -3.17 -19.15 -14.65
C MET A 278 -3.25 -20.35 -13.72
N ASP A 279 -2.56 -21.42 -14.09
CA ASP A 279 -2.56 -22.64 -13.30
C ASP A 279 -1.15 -23.07 -12.99
N SER A 280 -0.75 -22.94 -11.73
CA SER A 280 0.61 -23.31 -11.34
C SER A 280 0.82 -24.81 -11.17
N GLY A 281 -0.26 -25.58 -11.17
CA GLY A 281 -0.14 -27.01 -11.03
C GLY A 281 -0.01 -27.57 -9.63
N ALA A 282 0.71 -28.68 -9.54
CA ALA A 282 0.94 -29.40 -8.28
C ALA A 282 1.57 -28.52 -7.22
N GLU A 283 0.90 -28.39 -6.08
CA GLU A 283 1.42 -27.57 -5.01
C GLU A 283 2.82 -28.00 -4.59
N ALA A 284 3.17 -29.25 -4.87
CA ALA A 284 4.47 -29.74 -4.49
C ALA A 284 5.55 -29.38 -5.51
N THR A 285 5.16 -28.77 -6.63
CA THR A 285 6.15 -28.37 -7.63
C THR A 285 6.17 -26.87 -7.95
N SER A 286 5.05 -26.19 -7.76
CA SER A 286 4.98 -24.76 -8.02
C SER A 286 3.80 -24.08 -7.30
N GLY A 287 3.59 -22.80 -7.63
CA GLY A 287 2.52 -22.03 -7.01
C GLY A 287 2.73 -20.53 -7.11
N VAL A 288 1.69 -19.77 -6.80
CA VAL A 288 1.79 -18.31 -6.83
C VAL A 288 2.00 -17.77 -5.41
N VAL A 289 3.26 -17.47 -5.12
CA VAL A 289 3.63 -17.01 -3.79
C VAL A 289 3.53 -15.50 -3.57
N GLY A 290 3.30 -14.75 -4.64
CA GLY A 290 3.18 -13.31 -4.51
C GLY A 290 3.16 -12.64 -5.86
N TRP A 291 2.82 -11.35 -5.87
CA TRP A 291 2.78 -10.59 -7.12
C TRP A 291 3.50 -9.26 -6.92
N GLY A 292 4.71 -9.16 -7.46
CA GLY A 292 5.52 -7.97 -7.35
C GLY A 292 5.06 -6.72 -8.08
N ASN A 293 5.74 -5.61 -7.83
CA ASN A 293 5.38 -4.35 -8.45
C ASN A 293 6.27 -4.04 -9.65
N MET A 294 6.11 -4.85 -10.69
CA MET A 294 6.85 -4.71 -11.94
C MET A 294 5.82 -4.98 -13.02
N ASP A 295 5.95 -4.31 -14.16
CA ASP A 295 5.03 -4.55 -15.25
C ASP A 295 5.38 -5.93 -15.81
N THR A 296 4.40 -6.63 -16.37
CA THR A 296 4.67 -7.96 -16.90
C THR A 296 5.12 -7.90 -18.34
N ILE A 297 6.19 -8.63 -18.67
CA ILE A 297 6.67 -8.65 -20.04
C ILE A 297 5.94 -9.73 -20.82
N VAL A 298 5.39 -9.35 -21.97
CA VAL A 298 4.67 -10.27 -22.82
C VAL A 298 5.48 -10.51 -24.09
N ILE A 299 5.79 -11.77 -24.36
CA ILE A 299 6.55 -12.11 -25.57
C ILE A 299 5.74 -13.06 -26.43
N ARG A 300 5.66 -12.74 -27.70
CA ARG A 300 4.94 -13.61 -28.56
C ARG A 300 5.81 -14.10 -29.68
N VAL A 301 6.13 -15.38 -29.68
CA VAL A 301 6.96 -15.99 -30.71
C VAL A 301 5.99 -16.60 -31.72
N SER A 302 6.12 -16.19 -32.98
CA SER A 302 5.25 -16.69 -34.04
C SER A 302 5.96 -17.63 -34.98
N ALA A 303 5.68 -18.92 -34.85
CA ALA A 303 6.27 -19.92 -35.73
C ALA A 303 5.21 -20.25 -36.79
N PRO A 304 5.49 -19.95 -38.06
CA PRO A 304 4.48 -20.29 -39.07
C PRO A 304 4.56 -21.79 -39.29
N GLU A 305 3.74 -22.31 -40.20
CA GLU A 305 3.76 -23.73 -40.48
C GLU A 305 5.13 -24.13 -41.02
N GLY A 306 5.59 -25.31 -40.62
CA GLY A 306 6.87 -25.81 -41.10
C GLY A 306 8.13 -25.13 -40.61
N ALA A 307 8.00 -24.24 -39.63
CA ALA A 307 9.17 -23.56 -39.11
C ALA A 307 9.78 -24.29 -37.93
N VAL A 308 11.10 -24.42 -37.94
CA VAL A 308 11.81 -25.04 -36.84
C VAL A 308 12.44 -23.92 -36.02
N ASN A 309 11.70 -23.46 -35.02
CA ASN A 309 12.18 -22.37 -34.17
C ASN A 309 12.63 -22.84 -32.80
N SER A 310 13.94 -22.96 -32.64
CA SER A 310 14.55 -23.39 -31.40
C SER A 310 15.33 -22.21 -30.82
N ALA A 311 15.42 -22.16 -29.50
CA ALA A 311 16.14 -21.08 -28.85
C ALA A 311 16.36 -21.38 -27.39
N ILE A 312 17.15 -20.53 -26.75
CA ILE A 312 17.43 -20.64 -25.32
C ILE A 312 16.80 -19.42 -24.67
N LEU A 313 16.03 -19.65 -23.63
CA LEU A 313 15.41 -18.55 -22.94
C LEU A 313 16.07 -18.37 -21.59
N LYS A 314 16.44 -17.13 -21.28
CA LYS A 314 17.04 -16.83 -20.00
C LYS A 314 16.16 -15.82 -19.30
N ALA A 315 16.03 -15.99 -17.99
CA ALA A 315 15.21 -15.08 -17.20
C ALA A 315 16.02 -14.74 -15.95
N TRP A 316 16.16 -13.44 -15.69
CA TRP A 316 16.88 -12.94 -14.53
C TRP A 316 15.87 -12.33 -13.59
N SER A 317 16.25 -12.30 -12.32
CA SER A 317 15.36 -11.73 -11.33
C SER A 317 16.16 -11.42 -10.08
N CYS A 318 16.31 -10.14 -9.79
CA CYS A 318 17.03 -9.68 -8.61
C CYS A 318 15.92 -9.37 -7.58
N ILE A 319 15.83 -10.15 -6.51
CA ILE A 319 14.79 -9.92 -5.48
C ILE A 319 15.34 -9.78 -4.07
N GLU A 320 14.76 -8.85 -3.32
CA GLU A 320 15.15 -8.61 -1.94
C GLU A 320 14.04 -9.22 -1.07
N TYR A 321 14.37 -10.24 -0.30
CA TYR A 321 13.39 -10.90 0.57
C TYR A 321 13.60 -10.57 2.04
N ARG A 322 12.55 -10.68 2.85
CA ARG A 322 12.68 -10.46 4.28
C ARG A 322 12.74 -11.86 4.89
N PRO A 323 13.94 -12.30 5.27
CA PRO A 323 14.16 -13.62 5.86
C PRO A 323 13.57 -13.83 7.23
N ASN A 324 13.09 -15.04 7.46
CA ASN A 324 12.54 -15.42 8.76
C ASN A 324 13.73 -15.89 9.58
N PRO A 325 13.85 -15.39 10.81
CA PRO A 325 14.95 -15.74 11.72
C PRO A 325 15.23 -17.25 11.82
N ASN A 326 14.18 -18.05 11.67
CA ASN A 326 14.27 -19.50 11.75
C ASN A 326 14.81 -20.15 10.46
N ALA A 327 14.69 -19.44 9.33
CA ALA A 327 15.13 -19.94 8.03
C ALA A 327 16.64 -20.15 7.98
N MET A 328 17.12 -21.05 7.13
CA MET A 328 18.55 -21.28 7.07
C MET A 328 19.10 -20.27 6.11
N LEU A 329 18.18 -19.64 5.43
CA LEU A 329 18.41 -18.61 4.45
C LEU A 329 18.98 -17.36 5.06
N TYR A 330 18.59 -17.08 6.29
CA TYR A 330 19.03 -15.92 7.03
C TYR A 330 20.49 -15.65 7.22
N GLN A 331 21.31 -16.65 7.43
CA GLN A 331 22.72 -16.37 7.63
C GLN A 331 23.39 -15.77 6.43
N PHE A 332 22.66 -15.66 5.33
CA PHE A 332 23.22 -15.11 4.10
C PHE A 332 22.82 -13.64 3.97
N GLY A 333 21.86 -13.22 4.80
CA GLY A 333 21.38 -11.86 4.76
C GLY A 333 22.34 -10.75 5.12
N HIS A 334 21.93 -9.52 4.82
CA HIS A 334 22.70 -8.32 5.09
C HIS A 334 21.64 -7.22 5.15
N ASP A 335 22.03 -5.96 5.21
CA ASP A 335 21.04 -4.89 5.25
C ASP A 335 20.86 -4.28 3.88
N SER A 336 19.66 -3.83 3.58
CA SER A 336 19.45 -3.24 2.29
C SER A 336 20.38 -2.06 2.33
N PRO A 337 20.94 -1.73 1.20
CA PRO A 337 21.86 -0.61 1.07
C PRO A 337 21.17 0.70 1.34
N PRO A 338 21.96 1.67 1.77
CA PRO A 338 21.50 3.01 2.09
C PRO A 338 20.99 3.79 0.91
N LEU A 339 20.14 4.75 1.18
CA LEU A 339 19.56 5.59 0.17
C LEU A 339 20.61 6.19 -0.68
N ASP A 340 20.37 6.18 -1.97
CA ASP A 340 21.31 6.74 -2.93
C ASP A 340 20.49 7.46 -3.98
N GLU A 341 20.15 8.71 -3.66
CA GLU A 341 19.35 9.56 -4.53
C GLU A 341 19.72 9.54 -6.01
N VAL A 342 21.01 9.61 -6.30
CA VAL A 342 21.45 9.59 -7.68
C VAL A 342 20.98 8.33 -8.37
N ALA A 343 21.27 7.18 -7.77
CA ALA A 343 20.86 5.91 -8.33
C ALA A 343 19.35 5.83 -8.54
N LEU A 344 18.58 6.29 -7.55
CA LEU A 344 17.13 6.23 -7.67
C LEU A 344 16.57 7.07 -8.80
N GLN A 345 17.28 8.12 -9.18
CA GLN A 345 16.82 8.97 -10.26
C GLN A 345 17.33 8.48 -11.59
N GLU A 346 18.53 7.94 -11.59
CA GLU A 346 19.10 7.41 -12.82
C GLU A 346 18.27 6.23 -13.25
N TYR A 347 17.87 5.42 -12.27
CA TYR A 347 17.05 4.26 -12.52
C TYR A 347 15.84 4.69 -13.37
N ARG A 348 15.08 5.66 -12.87
CA ARG A 348 13.90 6.13 -13.58
C ARG A 348 14.20 6.72 -14.95
N THR A 349 15.31 7.45 -15.05
CA THR A 349 15.69 8.06 -16.31
C THR A 349 16.09 7.01 -17.32
N VAL A 350 16.95 6.08 -16.90
CA VAL A 350 17.39 5.01 -17.80
C VAL A 350 16.23 4.15 -18.27
N ALA A 351 15.41 3.71 -17.32
CA ALA A 351 14.26 2.89 -17.65
C ALA A 351 13.44 3.53 -18.76
N ARG A 352 13.14 4.81 -18.62
CA ARG A 352 12.34 5.53 -19.60
C ARG A 352 13.03 5.75 -20.96
N SER A 353 14.36 5.79 -20.94
CA SER A 353 15.14 6.05 -22.15
C SER A 353 15.49 4.84 -23.01
N LEU A 354 15.40 3.65 -22.42
CA LEU A 354 15.71 2.41 -23.14
C LEU A 354 14.57 2.01 -24.05
N PRO A 355 14.87 1.29 -25.13
CA PRO A 355 13.80 0.87 -26.05
C PRO A 355 13.05 -0.29 -25.38
N VAL A 356 11.85 -0.61 -25.86
CA VAL A 356 11.07 -1.69 -25.25
C VAL A 356 11.90 -2.96 -25.09
N ALA A 357 12.69 -3.27 -26.11
CA ALA A 357 13.57 -4.43 -26.09
C ALA A 357 14.58 -4.27 -27.21
N VAL A 358 15.57 -5.16 -27.25
CA VAL A 358 16.59 -5.10 -28.29
C VAL A 358 16.87 -6.50 -28.78
N ILE A 359 17.55 -6.62 -29.91
CA ILE A 359 17.88 -7.93 -30.43
C ILE A 359 18.90 -8.57 -29.50
N ALA A 360 19.00 -9.90 -29.56
CA ALA A 360 19.91 -10.64 -28.69
C ALA A 360 21.35 -10.25 -28.85
N ALA A 361 21.72 -9.75 -30.01
CA ALA A 361 23.11 -9.34 -30.24
C ALA A 361 23.54 -8.17 -29.36
N GLN A 362 22.58 -7.43 -28.81
CA GLN A 362 22.87 -6.28 -27.95
C GLN A 362 22.34 -6.38 -26.53
N ASN A 363 22.49 -7.55 -25.92
CA ASN A 363 22.03 -7.79 -24.58
C ASN A 363 23.09 -7.41 -23.57
N ALA B 1 29.95 -3.97 -23.74
CA ALA B 1 28.55 -4.31 -23.35
C ALA B 1 27.57 -3.41 -24.12
N SER B 2 27.12 -3.86 -25.29
CA SER B 2 26.21 -3.05 -26.09
C SER B 2 24.87 -2.74 -25.39
N MET B 3 24.76 -3.12 -24.12
CA MET B 3 23.57 -2.83 -23.32
C MET B 3 24.00 -2.05 -22.07
N TRP B 4 25.12 -2.44 -21.48
CA TRP B 4 25.62 -1.72 -20.32
C TRP B 4 26.21 -0.39 -20.82
N GLU B 5 26.72 -0.40 -22.04
CA GLU B 5 27.29 0.82 -22.63
C GLU B 5 26.15 1.74 -23.05
N ARG B 6 25.01 1.15 -23.38
CA ARG B 6 23.84 1.90 -23.77
C ARG B 6 23.30 2.62 -22.53
N VAL B 7 23.46 1.97 -21.38
CA VAL B 7 23.03 2.50 -20.10
C VAL B 7 24.02 3.58 -19.63
N LYS B 8 25.31 3.30 -19.75
CA LYS B 8 26.34 4.27 -19.34
C LYS B 8 26.21 5.53 -20.18
N SER B 9 25.83 5.37 -21.44
CA SER B 9 25.64 6.49 -22.35
C SER B 9 24.48 7.37 -21.85
N ILE B 10 23.35 6.74 -21.53
CA ILE B 10 22.17 7.45 -21.04
C ILE B 10 22.47 8.14 -19.71
N ILE B 11 23.23 7.49 -18.84
CA ILE B 11 23.59 8.03 -17.53
C ILE B 11 24.41 9.31 -17.65
N LYS B 12 25.43 9.29 -18.51
CA LYS B 12 26.29 10.45 -18.72
C LYS B 12 25.58 11.52 -19.54
N SER B 13 24.66 11.10 -20.41
CA SER B 13 23.92 12.03 -21.25
C SER B 13 22.95 12.90 -20.44
N SER B 14 22.41 12.33 -19.36
CA SER B 14 21.47 13.06 -18.50
C SER B 14 22.21 13.66 -17.29
N LEU B 15 23.30 13.00 -16.87
CA LEU B 15 24.09 13.47 -15.74
C LEU B 15 24.90 14.70 -16.20
N ALA B 16 24.90 14.95 -17.52
CA ALA B 16 25.62 16.07 -18.11
C ALA B 16 24.66 17.19 -18.53
N ALA B 17 23.46 16.83 -18.95
CA ALA B 17 22.46 17.80 -19.35
C ALA B 17 21.84 18.41 -18.09
N ALA B 18 22.28 17.90 -16.94
CA ALA B 18 21.80 18.37 -15.65
C ALA B 18 22.96 18.72 -14.71
N SER B 19 24.12 19.01 -15.29
CA SER B 19 25.31 19.38 -14.51
C SER B 19 25.79 20.78 -14.93
N ASN B 20 25.00 21.42 -15.81
CA ASN B 20 25.30 22.76 -16.30
C ASN B 20 24.45 23.79 -15.52
N ILE B 21 24.28 23.54 -14.23
CA ILE B 21 23.50 24.37 -13.31
C ILE B 21 22.80 25.57 -13.97
N MET C 53 7.73 35.76 -10.01
CA MET C 53 8.74 35.84 -8.92
C MET C 53 9.69 34.64 -8.99
N ALA C 54 10.60 34.53 -8.01
CA ALA C 54 11.58 33.43 -7.95
C ALA C 54 11.08 32.23 -7.13
N ALA C 55 9.76 32.02 -7.14
CA ALA C 55 9.14 30.92 -6.42
C ALA C 55 8.43 29.98 -7.42
N LEU C 56 7.75 30.58 -8.40
CA LEU C 56 7.04 29.84 -9.44
C LEU C 56 7.94 29.52 -10.63
N THR C 57 9.25 29.79 -10.50
CA THR C 57 10.22 29.54 -11.57
C THR C 57 11.18 28.40 -11.23
N ARG C 58 11.05 27.84 -10.03
CA ARG C 58 11.90 26.75 -9.60
C ARG C 58 11.18 25.47 -9.96
N LEU C 59 9.90 25.61 -10.26
CA LEU C 59 9.03 24.50 -10.64
C LEU C 59 9.23 24.08 -12.08
N SER C 60 9.12 22.78 -12.31
CA SER C 60 9.23 22.26 -13.65
C SER C 60 7.87 22.61 -14.20
N GLN C 61 7.72 22.57 -15.51
CA GLN C 61 6.43 22.88 -16.09
C GLN C 61 5.33 21.97 -15.54
N PRO C 62 5.51 20.64 -15.64
CA PRO C 62 4.51 19.70 -15.14
C PRO C 62 4.22 19.94 -13.65
N GLY C 63 5.26 20.31 -12.90
CA GLY C 63 5.10 20.58 -11.48
C GLY C 63 4.15 21.73 -11.25
N LEU C 64 4.30 22.79 -12.04
CA LEU C 64 3.44 23.95 -11.93
C LEU C 64 2.01 23.55 -12.26
N ALA C 65 1.84 22.85 -13.38
CA ALA C 65 0.54 22.39 -13.84
C ALA C 65 -0.12 21.48 -12.81
N PHE C 66 0.71 20.66 -12.16
CA PHE C 66 0.22 19.75 -11.14
C PHE C 66 -0.44 20.54 -10.03
N LEU C 67 0.25 21.57 -9.56
CA LEU C 67 -0.29 22.42 -8.50
C LEU C 67 -1.57 23.12 -8.91
N LYS C 68 -1.72 23.39 -10.19
CA LYS C 68 -2.93 24.05 -10.65
C LYS C 68 -4.12 23.09 -10.68
N CYS C 69 -4.01 21.97 -11.42
CA CYS C 69 -5.14 21.02 -11.48
C CYS C 69 -5.51 20.65 -10.04
N ALA C 70 -4.53 20.69 -9.16
CA ALA C 70 -4.76 20.34 -7.77
C ALA C 70 -5.55 21.33 -6.93
N PHE C 71 -5.27 22.61 -7.08
CA PHE C 71 -5.95 23.59 -6.24
C PHE C 71 -6.89 24.62 -6.84
N ALA C 72 -6.76 24.94 -8.11
CA ALA C 72 -7.66 25.92 -8.69
C ALA C 72 -7.98 25.67 -10.14
N PRO C 73 -8.86 24.68 -10.42
CA PRO C 73 -9.28 24.30 -11.79
C PRO C 73 -10.21 25.22 -12.60
N PRO C 74 -11.15 25.95 -11.95
CA PRO C 74 -12.06 26.84 -12.68
C PRO C 74 -11.36 28.03 -13.35
N ASP C 75 -10.24 28.41 -12.75
CA ASP C 75 -9.40 29.53 -13.17
C ASP C 75 -8.68 29.37 -14.49
N PHE C 76 -8.91 28.26 -15.19
CA PHE C 76 -8.24 28.06 -16.44
C PHE C 76 -9.10 27.79 -17.64
N ASN C 77 -8.53 28.16 -18.79
CA ASN C 77 -9.12 28.01 -20.10
C ASN C 77 -9.03 26.53 -20.40
N THR C 78 -7.94 25.93 -19.94
CA THR C 78 -7.64 24.52 -20.11
C THR C 78 -6.98 23.99 -18.86
N ASP C 79 -7.17 22.70 -18.62
CA ASP C 79 -6.57 22.07 -17.46
C ASP C 79 -5.07 22.01 -17.71
N PRO C 80 -4.28 22.52 -16.78
CA PRO C 80 -2.84 22.45 -17.01
C PRO C 80 -2.39 21.00 -16.79
N GLY C 81 -3.05 20.32 -15.85
CA GLY C 81 -2.74 18.95 -15.48
C GLY C 81 -2.11 18.06 -16.53
N LYS C 82 -1.04 17.38 -16.15
CA LYS C 82 -0.33 16.49 -17.06
C LYS C 82 0.28 15.30 -16.36
N GLY C 83 -0.08 15.08 -15.12
CA GLY C 83 0.47 13.96 -14.37
C GLY C 83 1.11 14.36 -13.05
N ILE C 84 1.51 13.36 -12.27
CA ILE C 84 2.15 13.59 -10.99
C ILE C 84 3.68 13.57 -11.10
N PRO C 85 4.31 14.70 -10.74
CA PRO C 85 5.76 14.91 -10.78
C PRO C 85 6.47 14.20 -9.66
N ASP C 86 6.36 12.89 -9.60
CA ASP C 86 7.03 12.13 -8.57
C ASP C 86 7.94 11.14 -9.27
N ARG C 87 8.69 10.36 -8.50
CA ARG C 87 9.61 9.36 -9.04
C ARG C 87 9.10 8.55 -10.23
N PHE C 88 7.82 8.18 -10.18
CA PHE C 88 7.24 7.38 -11.26
C PHE C 88 7.16 8.10 -12.59
N GLU C 89 7.70 7.43 -13.61
CA GLU C 89 7.73 7.93 -14.98
C GLU C 89 7.24 6.87 -15.99
N GLY C 90 6.46 5.91 -15.51
CA GLY C 90 5.94 4.87 -16.38
C GLY C 90 4.79 5.37 -17.25
N LYS C 91 4.31 4.52 -18.15
CA LYS C 91 3.22 4.89 -19.04
C LYS C 91 1.89 5.10 -18.33
N VAL C 92 1.24 6.22 -18.60
CA VAL C 92 -0.04 6.52 -17.99
C VAL C 92 -0.94 7.25 -18.96
N VAL C 93 -2.17 7.44 -18.52
CA VAL C 93 -3.16 8.17 -19.29
C VAL C 93 -3.77 9.12 -18.27
N SER C 94 -3.66 10.41 -18.54
CA SER C 94 -4.18 11.44 -17.65
C SER C 94 -5.57 11.82 -18.09
N ARG C 95 -6.53 11.72 -17.17
CA ARG C 95 -7.89 12.06 -17.49
C ARG C 95 -8.40 13.11 -16.52
N LYS C 96 -8.89 14.21 -17.06
CA LYS C 96 -9.43 15.25 -16.21
C LYS C 96 -10.94 15.18 -16.35
N ASP C 97 -11.59 14.56 -15.37
CA ASP C 97 -13.04 14.40 -15.35
C ASP C 97 -13.68 15.66 -14.83
N VAL C 98 -14.74 16.10 -15.50
CA VAL C 98 -15.46 17.30 -15.07
C VAL C 98 -16.94 17.03 -15.17
N LEU C 99 -17.66 17.32 -14.10
CA LEU C 99 -19.10 17.16 -14.10
C LEU C 99 -19.74 18.52 -13.95
N ASN C 100 -20.78 18.75 -14.74
CA ASN C 100 -21.52 20.00 -14.70
C ASN C 100 -22.96 19.58 -14.50
N GLN C 101 -23.59 20.07 -13.45
CA GLN C 101 -24.95 19.65 -13.20
C GLN C 101 -25.85 20.66 -12.56
N SER C 102 -26.89 21.08 -13.28
CA SER C 102 -27.84 22.02 -12.72
C SER C 102 -28.65 21.16 -11.77
N ILE C 103 -28.68 21.56 -10.50
CA ILE C 103 -29.41 20.78 -9.51
C ILE C 103 -30.32 21.63 -8.64
N SER C 104 -31.45 21.05 -8.24
CA SER C 104 -32.39 21.75 -7.39
C SER C 104 -32.54 20.93 -6.11
N PHE C 105 -32.32 21.56 -4.97
CA PHE C 105 -32.40 20.88 -3.70
C PHE C 105 -33.79 20.82 -3.11
N THR C 106 -34.13 19.62 -2.64
CA THR C 106 -35.42 19.34 -2.03
C THR C 106 -35.66 20.16 -0.76
N ALA C 107 -36.66 21.03 -0.80
CA ALA C 107 -36.99 21.86 0.35
C ALA C 107 -37.45 20.97 1.49
N GLY C 108 -37.16 21.38 2.72
CA GLY C 108 -37.55 20.61 3.88
C GLY C 108 -36.63 19.44 4.16
N GLN C 109 -35.53 19.34 3.43
CA GLN C 109 -34.60 18.25 3.63
C GLN C 109 -33.16 18.64 3.58
N ASP C 110 -32.34 17.86 4.29
CA ASP C 110 -30.91 18.08 4.30
C ASP C 110 -30.35 17.05 3.32
N THR C 111 -29.67 17.54 2.28
CA THR C 111 -29.10 16.67 1.27
C THR C 111 -27.61 16.50 1.55
N PHE C 112 -27.15 15.25 1.59
CA PHE C 112 -25.74 14.97 1.84
C PHE C 112 -25.04 14.55 0.56
N ILE C 113 -23.90 15.18 0.29
CA ILE C 113 -23.12 14.86 -0.89
C ILE C 113 -21.71 14.43 -0.50
N LEU C 114 -21.25 13.34 -1.10
CA LEU C 114 -19.93 12.84 -0.80
C LEU C 114 -19.07 12.84 -2.05
N ILE C 115 -17.95 13.56 -1.98
CA ILE C 115 -17.03 13.58 -3.10
C ILE C 115 -16.01 12.54 -2.67
N ALA C 116 -16.17 11.32 -3.18
CA ALA C 116 -15.26 10.24 -2.83
C ALA C 116 -14.33 9.86 -3.96
N PRO C 117 -13.16 9.29 -3.61
CA PRO C 117 -12.12 8.84 -4.54
C PRO C 117 -12.50 7.56 -5.28
N THR C 118 -13.73 7.55 -5.81
CA THR C 118 -14.23 6.41 -6.56
C THR C 118 -14.20 6.80 -8.02
N PRO C 119 -13.19 6.29 -8.76
CA PRO C 119 -13.00 6.57 -10.18
C PRO C 119 -14.28 6.52 -11.00
N GLY C 120 -14.46 7.51 -11.87
CA GLY C 120 -15.62 7.55 -12.73
C GLY C 120 -16.88 8.15 -12.13
N VAL C 121 -16.96 8.15 -10.81
CA VAL C 121 -18.14 8.71 -10.14
C VAL C 121 -17.83 10.05 -9.51
N ALA C 122 -18.53 11.09 -9.99
CA ALA C 122 -18.35 12.44 -9.48
C ALA C 122 -18.64 12.50 -7.99
N TYR C 123 -19.85 12.09 -7.60
CA TYR C 123 -20.20 12.12 -6.19
C TYR C 123 -21.33 11.15 -5.86
N TRP C 124 -21.56 10.98 -4.56
CA TRP C 124 -22.60 10.12 -4.04
C TRP C 124 -23.50 11.00 -3.20
N SER C 125 -24.80 10.82 -3.30
CA SER C 125 -25.70 11.64 -2.51
C SER C 125 -26.86 10.85 -1.95
N ALA C 126 -27.57 11.50 -1.04
CA ALA C 126 -28.73 10.94 -0.36
C ALA C 126 -29.31 12.09 0.42
N SER C 127 -30.64 12.15 0.52
CA SER C 127 -31.21 13.23 1.31
C SER C 127 -31.97 12.62 2.47
N VAL C 128 -31.90 13.30 3.62
CA VAL C 128 -32.54 12.84 4.83
C VAL C 128 -33.44 13.95 5.36
N PRO C 129 -34.20 13.66 6.41
CA PRO C 129 -35.12 14.63 7.02
C PRO C 129 -34.31 15.77 7.61
N ALA C 130 -34.85 16.97 7.51
CA ALA C 130 -34.19 18.17 8.03
C ALA C 130 -33.58 17.95 9.43
N GLY C 131 -32.37 18.46 9.63
CA GLY C 131 -31.69 18.36 10.91
C GLY C 131 -31.16 17.00 11.29
N THR C 132 -31.25 16.00 10.41
CA THR C 132 -30.74 14.68 10.74
C THR C 132 -29.56 14.31 9.85
N PHE C 133 -28.90 13.21 10.20
CA PHE C 133 -27.75 12.70 9.44
C PHE C 133 -28.12 11.33 8.91
N PRO C 134 -27.30 10.78 7.99
CA PRO C 134 -27.59 9.45 7.44
C PRO C 134 -27.69 8.43 8.57
N THR C 135 -28.61 7.48 8.44
CA THR C 135 -28.78 6.43 9.44
C THR C 135 -28.60 5.12 8.71
N SER C 136 -28.75 4.01 9.43
CA SER C 136 -28.60 2.69 8.82
C SER C 136 -29.62 2.51 7.70
N ALA C 137 -30.67 3.32 7.75
CA ALA C 137 -31.75 3.29 6.76
C ALA C 137 -31.38 4.03 5.48
N THR C 138 -30.26 4.75 5.53
CA THR C 138 -29.83 5.54 4.38
C THR C 138 -28.97 4.80 3.37
N THR C 139 -29.13 5.19 2.10
CA THR C 139 -28.37 4.63 0.98
C THR C 139 -27.96 5.74 0.04
N PHE C 140 -26.67 5.78 -0.29
CA PHE C 140 -26.12 6.78 -1.18
C PHE C 140 -26.02 6.25 -2.59
N ASN C 141 -26.39 7.10 -3.55
CA ASN C 141 -26.37 6.76 -4.97
C ASN C 141 -25.38 7.65 -5.69
N PRO C 142 -24.48 7.02 -6.44
CA PRO C 142 -23.46 7.72 -7.21
C PRO C 142 -23.91 8.46 -8.46
N VAL C 143 -23.27 9.58 -8.75
CA VAL C 143 -23.59 10.38 -9.91
C VAL C 143 -22.28 10.30 -10.68
N ASN C 144 -22.35 9.73 -11.87
CA ASN C 144 -21.19 9.56 -12.75
C ASN C 144 -20.71 10.70 -13.64
N TYR C 145 -19.40 10.67 -13.90
CA TYR C 145 -18.76 11.67 -14.73
C TYR C 145 -19.16 11.17 -16.11
N PRO C 146 -19.06 12.00 -17.13
CA PRO C 146 -19.44 11.56 -18.47
C PRO C 146 -18.56 10.41 -18.96
N GLY C 147 -19.18 9.44 -19.64
CA GLY C 147 -18.46 8.28 -20.17
C GLY C 147 -18.03 7.17 -19.23
N PHE C 148 -18.71 7.00 -18.10
CA PHE C 148 -18.34 5.95 -17.16
C PHE C 148 -18.15 4.62 -17.89
N THR C 149 -19.18 4.21 -18.61
CA THR C 149 -19.15 2.93 -19.31
C THR C 149 -18.04 2.78 -20.33
N SER C 150 -17.63 3.87 -20.97
CA SER C 150 -16.56 3.77 -21.96
C SER C 150 -15.23 3.53 -21.24
N MET C 151 -15.18 3.87 -19.96
CA MET C 151 -13.99 3.67 -19.16
C MET C 151 -14.02 2.32 -18.46
N PHE C 152 -15.14 2.01 -17.82
CA PHE C 152 -15.23 0.78 -17.04
C PHE C 152 -16.20 -0.30 -17.45
N GLY C 153 -16.67 -0.26 -18.70
CA GLY C 153 -17.59 -1.28 -19.17
C GLY C 153 -19.00 -1.26 -18.62
N THR C 154 -19.76 -2.30 -18.95
CA THR C 154 -21.16 -2.41 -18.54
C THR C 154 -21.54 -3.58 -17.65
N THR C 155 -20.56 -4.31 -17.14
CA THR C 155 -20.85 -5.42 -16.25
C THR C 155 -19.88 -5.26 -15.09
N SER C 156 -20.30 -5.68 -13.90
CA SER C 156 -19.43 -5.52 -12.74
C SER C 156 -18.08 -6.24 -12.83
N THR C 157 -17.85 -7.03 -13.89
CA THR C 157 -16.58 -7.73 -14.02
C THR C 157 -15.76 -7.33 -15.26
N SER C 158 -16.03 -6.14 -15.75
CA SER C 158 -15.30 -5.62 -16.90
C SER C 158 -14.71 -4.24 -16.57
N ARG C 159 -14.47 -4.01 -15.29
CA ARG C 159 -13.94 -2.74 -14.82
C ARG C 159 -12.46 -2.56 -15.15
N SER C 160 -11.71 -3.65 -15.22
CA SER C 160 -10.27 -3.58 -15.51
C SER C 160 -9.96 -3.84 -16.99
N ASP C 161 -10.93 -3.63 -17.86
CA ASP C 161 -10.71 -3.91 -19.27
C ASP C 161 -9.87 -2.87 -19.99
N GLN C 162 -10.08 -1.60 -19.66
CA GLN C 162 -9.33 -0.52 -20.28
C GLN C 162 -8.07 -0.13 -19.49
N VAL C 163 -8.22 -0.02 -18.18
CA VAL C 163 -7.12 0.35 -17.30
C VAL C 163 -7.03 -0.65 -16.16
N SER C 164 -5.84 -0.84 -15.60
CA SER C 164 -5.66 -1.80 -14.51
C SER C 164 -5.53 -1.18 -13.11
N SER C 165 -4.97 0.02 -13.04
CA SER C 165 -4.81 0.70 -11.75
C SER C 165 -4.85 2.21 -11.94
N PHE C 166 -4.84 2.94 -10.82
CA PHE C 166 -4.96 4.38 -10.89
C PHE C 166 -4.45 5.11 -9.65
N ARG C 167 -4.38 6.42 -9.77
CA ARG C 167 -3.99 7.28 -8.65
C ARG C 167 -4.48 8.70 -8.94
N TYR C 168 -5.10 9.30 -7.92
CA TYR C 168 -5.65 10.65 -8.02
C TYR C 168 -4.59 11.72 -7.85
N ALA C 169 -4.77 12.83 -8.55
CA ALA C 169 -3.86 13.97 -8.44
C ALA C 169 -4.65 15.05 -7.66
N SER C 170 -5.91 15.23 -8.07
CA SER C 170 -6.78 16.21 -7.42
C SER C 170 -8.20 15.71 -7.41
N MET C 171 -9.02 16.39 -6.62
CA MET C 171 -10.42 16.04 -6.50
C MET C 171 -11.07 17.27 -5.87
N ASN C 172 -11.72 18.08 -6.70
CA ASN C 172 -12.35 19.31 -6.24
C ASN C 172 -13.84 19.34 -6.50
N VAL C 173 -14.53 20.25 -5.82
CA VAL C 173 -15.98 20.40 -6.00
C VAL C 173 -16.40 21.85 -5.77
N GLY C 174 -17.46 22.26 -6.46
CA GLY C 174 -17.96 23.62 -6.31
C GLY C 174 -19.47 23.67 -6.47
N ILE C 175 -20.14 24.52 -5.69
CA ILE C 175 -21.58 24.68 -5.78
C ILE C 175 -21.87 26.16 -6.02
N TYR C 176 -22.47 26.47 -7.17
CA TYR C 176 -22.76 27.84 -7.54
C TYR C 176 -24.25 28.12 -7.56
N PRO C 177 -24.76 28.75 -6.50
CA PRO C 177 -26.18 29.08 -6.38
C PRO C 177 -26.71 29.83 -7.61
N THR C 178 -27.93 29.50 -8.02
CA THR C 178 -28.55 30.17 -9.16
C THR C 178 -29.92 30.73 -8.77
N SER C 179 -30.24 30.67 -7.49
CA SER C 179 -31.51 31.18 -6.96
C SER C 179 -31.47 32.70 -6.85
N ASN C 180 -32.62 33.36 -6.90
CA ASN C 180 -32.66 34.81 -6.76
C ASN C 180 -32.77 35.15 -5.26
N LEU C 181 -32.61 36.43 -4.94
CA LEU C 181 -32.63 36.87 -3.54
C LEU C 181 -33.99 36.84 -2.86
N MET C 182 -34.95 36.24 -3.53
CA MET C 182 -36.28 36.16 -2.97
C MET C 182 -36.65 34.70 -2.77
N GLN C 183 -35.76 33.80 -3.16
CA GLN C 183 -36.08 32.39 -3.03
C GLN C 183 -35.13 31.46 -2.28
N PHE C 184 -33.87 31.84 -2.15
CA PHE C 184 -32.92 31.00 -1.44
C PHE C 184 -33.04 31.02 0.06
N ALA C 185 -32.66 29.92 0.67
CA ALA C 185 -32.71 29.75 2.11
C ALA C 185 -31.84 28.56 2.40
N GLY C 186 -31.38 28.41 3.63
CA GLY C 186 -30.54 27.28 3.97
C GLY C 186 -29.04 27.50 4.07
N SER C 187 -28.33 26.42 4.33
CA SER C 187 -26.88 26.45 4.46
C SER C 187 -26.12 25.35 3.75
N ILE C 188 -24.82 25.58 3.60
CA ILE C 188 -23.92 24.61 2.99
C ILE C 188 -22.80 24.38 4.01
N THR C 189 -22.63 23.14 4.45
CA THR C 189 -21.59 22.84 5.42
C THR C 189 -20.67 21.79 4.82
N VAL C 190 -19.37 22.01 4.95
CA VAL C 190 -18.38 21.10 4.40
C VAL C 190 -17.33 20.69 5.43
N TRP C 191 -16.97 19.42 5.43
CA TRP C 191 -15.92 18.93 6.30
C TRP C 191 -15.37 17.69 5.60
N LYS C 192 -14.18 17.24 5.99
CA LYS C 192 -13.57 16.11 5.31
C LYS C 192 -13.34 14.88 6.18
N CYS C 193 -13.56 13.70 5.60
CA CYS C 193 -13.40 12.44 6.32
C CYS C 193 -12.38 11.53 5.71
N PRO C 194 -11.56 10.90 6.54
CA PRO C 194 -10.50 9.97 6.13
C PRO C 194 -11.10 8.58 5.90
N VAL C 195 -12.01 8.47 4.92
CA VAL C 195 -12.64 7.20 4.60
C VAL C 195 -11.75 6.31 3.77
N LYS C 196 -11.55 5.09 4.24
CA LYS C 196 -10.71 4.13 3.54
C LYS C 196 -11.51 2.87 3.27
N LEU C 197 -11.07 2.08 2.30
CA LEU C 197 -11.74 0.83 1.98
C LEU C 197 -10.94 -0.30 2.62
N SER C 198 -11.46 -0.85 3.71
CA SER C 198 -10.78 -1.93 4.40
C SER C 198 -11.55 -3.23 4.19
N THR C 199 -11.58 -4.07 5.21
CA THR C 199 -12.28 -5.35 5.16
C THR C 199 -12.76 -5.79 6.55
N VAL C 200 -13.75 -6.67 6.57
CA VAL C 200 -14.28 -7.19 7.82
C VAL C 200 -14.26 -8.71 7.75
N GLN C 201 -13.88 -9.32 8.87
CA GLN C 201 -13.78 -10.77 8.99
C GLN C 201 -14.84 -11.29 9.96
N PHE C 202 -15.69 -12.20 9.50
CA PHE C 202 -16.72 -12.77 10.35
C PHE C 202 -17.13 -14.18 9.92
N PRO C 203 -17.52 -15.01 10.89
CA PRO C 203 -17.95 -16.40 10.65
C PRO C 203 -19.37 -16.50 10.08
N VAL C 204 -19.57 -17.49 9.22
CA VAL C 204 -20.87 -17.75 8.61
C VAL C 204 -21.21 -19.22 8.82
N ALA C 205 -22.40 -19.48 9.35
CA ALA C 205 -22.82 -20.85 9.61
C ALA C 205 -23.42 -21.53 8.38
N THR C 206 -22.55 -21.88 7.44
CA THR C 206 -22.97 -22.56 6.24
C THR C 206 -22.55 -23.99 6.51
N ASP C 207 -22.75 -24.88 5.55
CA ASP C 207 -22.33 -26.26 5.76
C ASP C 207 -21.39 -26.71 4.65
N PRO C 208 -20.10 -26.91 5.00
CA PRO C 208 -19.54 -26.72 6.34
C PRO C 208 -19.43 -25.24 6.75
N ALA C 209 -19.23 -24.98 8.05
CA ALA C 209 -19.12 -23.60 8.52
C ALA C 209 -17.86 -22.95 7.92
N THR C 210 -17.97 -21.67 7.58
CA THR C 210 -16.86 -20.96 6.97
C THR C 210 -16.66 -19.55 7.53
N SER C 211 -15.59 -18.88 7.08
CA SER C 211 -15.31 -17.51 7.52
C SER C 211 -15.30 -16.60 6.30
N SER C 212 -16.04 -15.50 6.41
CA SER C 212 -16.11 -14.54 5.34
C SER C 212 -15.15 -13.36 5.52
N LEU C 213 -14.80 -12.75 4.40
CA LEU C 213 -13.94 -11.59 4.39
C LEU C 213 -14.48 -10.76 3.26
N VAL C 214 -14.90 -9.53 3.57
CA VAL C 214 -15.45 -8.66 2.54
C VAL C 214 -15.06 -7.20 2.74
N HIS C 215 -15.18 -6.41 1.67
CA HIS C 215 -14.86 -5.00 1.72
C HIS C 215 -15.74 -4.23 2.71
N THR C 216 -15.18 -3.26 3.40
CA THR C 216 -15.94 -2.40 4.32
C THR C 216 -15.35 -1.02 4.23
N LEU C 217 -16.20 -0.02 4.27
CA LEU C 217 -15.72 1.34 4.26
C LEU C 217 -15.52 1.74 5.71
N VAL C 218 -14.27 2.04 6.02
CA VAL C 218 -13.87 2.43 7.35
C VAL C 218 -13.83 3.96 7.51
N GLY C 219 -14.40 4.46 8.60
CA GLY C 219 -14.39 5.89 8.85
C GLY C 219 -15.56 6.66 8.26
N LEU C 220 -16.56 5.90 7.86
CA LEU C 220 -17.76 6.46 7.28
C LEU C 220 -18.56 7.17 8.36
N ASP C 221 -18.32 6.76 9.60
CA ASP C 221 -19.02 7.30 10.77
C ASP C 221 -18.74 8.80 10.91
N GLY C 222 -17.69 9.27 10.25
CA GLY C 222 -17.33 10.67 10.30
C GLY C 222 -18.35 11.57 9.62
N VAL C 223 -19.23 10.96 8.84
CA VAL C 223 -20.26 11.69 8.10
C VAL C 223 -21.44 12.02 9.01
N LEU C 224 -21.52 11.37 10.16
CA LEU C 224 -22.64 11.57 11.06
C LEU C 224 -22.51 12.71 12.06
N ALA C 225 -21.51 13.56 11.88
CA ALA C 225 -21.31 14.70 12.77
C ALA C 225 -20.47 15.71 12.02
N VAL C 226 -20.77 16.99 12.21
CA VAL C 226 -19.98 18.04 11.55
C VAL C 226 -18.77 18.29 12.44
N GLY C 227 -17.60 17.81 12.00
CA GLY C 227 -16.37 17.96 12.76
C GLY C 227 -15.98 19.40 13.04
N PRO C 228 -15.18 19.64 14.10
CA PRO C 228 -14.72 20.98 14.48
C PRO C 228 -14.02 21.73 13.35
N ASP C 229 -13.55 21.03 12.34
CA ASP C 229 -12.90 21.69 11.23
C ASP C 229 -13.87 21.64 10.11
N ASN C 230 -14.50 22.75 9.83
CA ASN C 230 -15.48 22.83 8.75
C ASN C 230 -15.72 24.21 8.16
N PHE C 231 -16.47 24.20 7.05
CA PHE C 231 -16.87 25.41 6.37
C PHE C 231 -18.39 25.37 6.51
N SER C 232 -18.98 26.49 6.88
CA SER C 232 -20.42 26.52 7.04
C SER C 232 -20.88 27.92 6.71
N GLU C 233 -21.73 28.05 5.71
CA GLU C 233 -22.19 29.37 5.35
C GLU C 233 -23.55 29.34 4.64
N SER C 234 -24.16 30.52 4.46
CA SER C 234 -25.44 30.62 3.79
C SER C 234 -25.37 29.99 2.41
N PHE C 235 -26.46 29.34 2.01
CA PHE C 235 -26.52 28.68 0.72
C PHE C 235 -26.13 29.59 -0.42
N ILE C 236 -26.70 30.79 -0.41
CA ILE C 236 -26.47 31.76 -1.47
C ILE C 236 -24.99 32.09 -1.74
N LYS C 237 -24.13 31.90 -0.74
CA LYS C 237 -22.71 32.19 -0.95
C LYS C 237 -21.99 31.05 -1.67
N GLY C 238 -22.68 29.94 -1.87
CA GLY C 238 -22.09 28.79 -2.55
C GLY C 238 -20.86 28.27 -1.83
N VAL C 239 -20.05 27.49 -2.53
CA VAL C 239 -18.84 26.96 -1.92
C VAL C 239 -17.92 26.29 -2.93
N PHE C 240 -16.65 26.25 -2.58
CA PHE C 240 -15.61 25.62 -3.39
C PHE C 240 -14.69 24.93 -2.41
N SER C 241 -14.34 23.68 -2.70
CA SER C 241 -13.46 22.93 -1.81
C SER C 241 -12.65 21.90 -2.58
N GLN C 242 -11.53 21.48 -2.01
CA GLN C 242 -10.67 20.49 -2.65
C GLN C 242 -10.24 19.48 -1.64
N SER C 243 -9.71 18.38 -2.15
CA SER C 243 -9.23 17.32 -1.30
C SER C 243 -7.79 17.09 -1.72
N ALA C 244 -7.03 16.42 -0.86
CA ALA C 244 -5.63 16.14 -1.16
C ALA C 244 -5.25 14.72 -0.78
N CYS C 245 -4.12 14.27 -1.32
CA CYS C 245 -3.61 12.94 -1.07
C CYS C 245 -3.46 12.68 0.43
N ASN C 246 -4.09 11.65 0.95
CA ASN C 246 -4.01 11.33 2.36
C ASN C 246 -2.93 10.34 2.71
N GLU C 247 -1.94 10.28 1.86
CA GLU C 247 -0.81 9.39 2.01
C GLU C 247 0.46 10.21 1.80
N PRO C 248 1.60 9.77 2.35
CA PRO C 248 2.85 10.52 2.16
C PRO C 248 3.35 10.55 0.71
N ASP C 249 2.85 9.63 -0.10
CA ASP C 249 3.26 9.56 -1.50
C ASP C 249 2.10 9.07 -2.37
N PHE C 250 2.22 9.29 -3.67
CA PHE C 250 1.18 8.91 -4.61
C PHE C 250 1.31 7.50 -5.19
N GLU C 251 0.91 6.50 -4.42
CA GLU C 251 0.99 5.13 -4.89
C GLU C 251 -0.25 4.73 -5.70
N PHE C 252 -0.08 3.76 -6.59
CA PHE C 252 -1.17 3.29 -7.42
C PHE C 252 -2.06 2.32 -6.67
N ASN C 253 -3.35 2.40 -6.99
CA ASN C 253 -4.32 1.51 -6.40
C ASN C 253 -4.90 0.68 -7.54
N ASP C 254 -5.19 -0.59 -7.27
CA ASP C 254 -5.73 -1.48 -8.28
C ASP C 254 -7.19 -1.25 -8.55
N ILE C 255 -7.60 -1.54 -9.79
CA ILE C 255 -9.00 -1.42 -10.16
C ILE C 255 -9.67 -2.59 -9.45
N LEU C 256 -10.80 -2.31 -8.81
CA LEU C 256 -11.55 -3.34 -8.10
C LEU C 256 -12.64 -3.90 -8.99
N GLU C 257 -12.76 -5.23 -8.99
CA GLU C 257 -13.76 -5.91 -9.81
C GLU C 257 -14.93 -6.53 -9.08
N GLY C 258 -16.11 -6.33 -9.64
CA GLY C 258 -17.33 -6.86 -9.08
C GLY C 258 -18.08 -6.16 -7.97
N ILE C 259 -17.72 -4.93 -7.67
CA ILE C 259 -18.42 -4.23 -6.60
C ILE C 259 -19.54 -3.34 -7.05
N GLN C 260 -20.74 -3.65 -6.59
CA GLN C 260 -21.91 -2.87 -6.95
C GLN C 260 -22.50 -2.22 -5.70
N THR C 261 -22.31 -2.87 -4.55
CA THR C 261 -22.80 -2.29 -3.32
C THR C 261 -21.89 -2.62 -2.15
N LEU C 262 -21.97 -1.77 -1.12
CA LEU C 262 -21.22 -1.93 0.12
C LEU C 262 -22.17 -1.45 1.21
N PRO C 263 -22.63 -2.37 2.07
CA PRO C 263 -22.29 -3.80 2.07
C PRO C 263 -22.68 -4.55 0.80
N PRO C 264 -21.84 -5.52 0.39
CA PRO C 264 -22.12 -6.30 -0.82
C PRO C 264 -23.37 -7.15 -0.63
N ALA C 265 -23.85 -7.72 -1.73
CA ALA C 265 -25.04 -8.56 -1.67
C ALA C 265 -24.81 -9.74 -0.74
N ASN C 266 -25.84 -10.09 0.02
CA ASN C 266 -25.80 -11.20 0.99
C ASN C 266 -25.05 -10.89 2.27
N VAL C 267 -24.73 -9.61 2.49
CA VAL C 267 -24.04 -9.20 3.71
C VAL C 267 -24.90 -8.13 4.38
N SER C 268 -25.14 -8.28 5.67
CA SER C 268 -25.98 -7.32 6.39
C SER C 268 -25.16 -6.12 6.80
N LEU C 269 -25.79 -4.95 6.80
CA LEU C 269 -25.10 -3.73 7.18
C LEU C 269 -24.44 -3.95 8.54
N GLY C 270 -25.19 -4.60 9.44
CA GLY C 270 -24.70 -4.86 10.77
C GLY C 270 -23.33 -5.53 10.85
N SER C 271 -23.10 -6.54 10.03
CA SER C 271 -21.83 -7.24 10.09
C SER C 271 -20.64 -6.50 9.47
N THR C 272 -20.87 -5.38 8.79
CA THR C 272 -19.78 -4.64 8.17
C THR C 272 -19.25 -3.49 9.04
N GLY C 273 -20.11 -2.96 9.90
CA GLY C 273 -19.69 -1.86 10.74
C GLY C 273 -20.04 -0.53 10.10
N GLN C 274 -20.32 -0.53 8.80
CA GLN C 274 -20.67 0.72 8.13
C GLN C 274 -21.95 1.30 8.72
N PRO C 275 -22.02 2.63 8.83
CA PRO C 275 -23.20 3.30 9.38
C PRO C 275 -24.36 3.40 8.38
N PHE C 276 -24.06 3.28 7.09
CA PHE C 276 -25.07 3.34 6.06
C PHE C 276 -24.61 2.61 4.81
N THR C 277 -25.43 2.65 3.76
CA THR C 277 -25.11 1.93 2.54
C THR C 277 -24.75 2.72 1.30
N MET C 278 -23.88 2.11 0.50
CA MET C 278 -23.41 2.67 -0.76
C MET C 278 -23.94 1.75 -1.86
N ASP C 279 -24.76 2.30 -2.75
CA ASP C 279 -25.35 1.51 -3.82
C ASP C 279 -25.15 2.16 -5.19
N SER C 280 -24.29 1.56 -6.02
CA SER C 280 -24.02 2.12 -7.34
C SER C 280 -25.08 1.80 -8.38
N GLY C 281 -26.04 0.97 -8.00
CA GLY C 281 -27.10 0.62 -8.93
C GLY C 281 -26.77 -0.41 -10.00
N ALA C 282 -27.39 -0.23 -11.17
CA ALA C 282 -27.21 -1.12 -12.31
C ALA C 282 -25.77 -1.23 -12.76
N GLU C 283 -25.25 -2.45 -12.78
CA GLU C 283 -23.87 -2.66 -13.20
C GLU C 283 -23.64 -2.09 -14.59
N ALA C 284 -24.72 -1.98 -15.36
CA ALA C 284 -24.63 -1.46 -16.72
C ALA C 284 -24.55 0.07 -16.77
N THR C 285 -24.71 0.73 -15.63
CA THR C 285 -24.63 2.19 -15.62
C THR C 285 -23.60 2.75 -14.64
N SER C 286 -23.28 2.02 -13.58
CA SER C 286 -22.30 2.51 -12.60
C SER C 286 -21.74 1.40 -11.73
N GLY C 287 -20.82 1.76 -10.83
CA GLY C 287 -20.23 0.78 -9.94
C GLY C 287 -19.00 1.38 -9.28
N VAL C 288 -18.46 0.71 -8.28
CA VAL C 288 -17.28 1.18 -7.58
C VAL C 288 -16.10 0.45 -8.15
N VAL C 289 -15.30 1.11 -8.98
CA VAL C 289 -14.14 0.47 -9.57
C VAL C 289 -12.84 0.64 -8.80
N GLY C 290 -12.91 1.26 -7.64
CA GLY C 290 -11.71 1.46 -6.84
C GLY C 290 -11.88 2.55 -5.79
N TRP C 291 -10.91 2.66 -4.88
CA TRP C 291 -10.97 3.67 -3.85
C TRP C 291 -9.59 4.32 -3.71
N GLY C 292 -9.50 5.58 -4.17
CA GLY C 292 -8.25 6.31 -4.12
C GLY C 292 -7.79 6.86 -2.78
N ASN C 293 -6.57 7.40 -2.76
CA ASN C 293 -5.99 7.95 -1.55
C ASN C 293 -6.18 9.46 -1.38
N MET C 294 -7.43 9.88 -1.27
CA MET C 294 -7.79 11.27 -1.07
C MET C 294 -8.84 11.20 0.02
N ASP C 295 -8.91 12.22 0.86
CA ASP C 295 -9.94 12.20 1.89
C ASP C 295 -11.27 12.53 1.22
N THR C 296 -12.36 12.12 1.84
CA THR C 296 -13.67 12.37 1.26
C THR C 296 -14.24 13.71 1.70
N ILE C 297 -14.76 14.47 0.74
CA ILE C 297 -15.35 15.76 1.07
C ILE C 297 -16.83 15.52 1.35
N VAL C 298 -17.28 15.92 2.54
CA VAL C 298 -18.68 15.75 2.91
C VAL C 298 -19.36 17.12 2.84
N ILE C 299 -20.53 17.16 2.23
CA ILE C 299 -21.25 18.42 2.09
C ILE C 299 -22.70 18.28 2.54
N ARG C 300 -23.14 19.15 3.44
CA ARG C 300 -24.52 19.10 3.88
C ARG C 300 -25.21 20.36 3.42
N VAL C 301 -26.15 20.20 2.50
CA VAL C 301 -26.93 21.32 2.00
C VAL C 301 -28.28 21.21 2.67
N SER C 302 -28.62 22.17 3.52
CA SER C 302 -29.88 22.15 4.23
C SER C 302 -30.87 23.17 3.69
N ALA C 303 -32.00 22.70 3.16
CA ALA C 303 -33.04 23.58 2.62
C ALA C 303 -34.29 23.56 3.49
N PRO C 304 -34.76 24.75 3.90
CA PRO C 304 -35.96 24.80 4.73
C PRO C 304 -37.20 24.56 3.89
N GLU C 305 -38.29 24.28 4.58
CA GLU C 305 -39.56 24.06 3.91
C GLU C 305 -39.94 25.38 3.26
N GLY C 306 -40.23 25.34 1.95
CA GLY C 306 -40.62 26.57 1.27
C GLY C 306 -39.52 27.38 0.62
N ALA C 307 -38.32 26.81 0.56
CA ALA C 307 -37.21 27.51 -0.05
C ALA C 307 -36.90 26.91 -1.41
N VAL C 308 -36.44 27.75 -2.33
CA VAL C 308 -36.06 27.28 -3.66
C VAL C 308 -34.56 27.44 -3.83
N ASN C 309 -33.83 26.37 -3.53
CA ASN C 309 -32.38 26.39 -3.65
C ASN C 309 -31.91 25.65 -4.89
N SER C 310 -31.54 26.44 -5.90
CA SER C 310 -31.07 25.90 -7.17
C SER C 310 -29.60 26.27 -7.27
N ALA C 311 -28.82 25.42 -7.92
CA ALA C 311 -27.41 25.68 -8.06
C ALA C 311 -26.82 24.84 -9.17
N ILE C 312 -25.55 25.09 -9.45
CA ILE C 312 -24.84 24.33 -10.44
C ILE C 312 -23.74 23.67 -9.67
N LEU C 313 -23.63 22.36 -9.81
CA LEU C 313 -22.62 21.61 -9.09
C LEU C 313 -21.54 21.21 -10.06
N LYS C 314 -20.28 21.40 -9.66
CA LYS C 314 -19.16 21.02 -10.51
C LYS C 314 -18.19 20.16 -9.73
N ALA C 315 -17.60 19.18 -10.40
CA ALA C 315 -16.64 18.30 -9.76
C ALA C 315 -15.47 18.03 -10.72
N TRP C 316 -14.25 18.05 -10.20
CA TRP C 316 -13.05 17.82 -10.99
C TRP C 316 -12.26 16.66 -10.42
N SER C 317 -11.59 15.93 -11.29
CA SER C 317 -10.76 14.81 -10.90
C SER C 317 -9.63 14.67 -11.87
N CYS C 318 -8.42 14.90 -11.40
CA CYS C 318 -7.26 14.72 -12.25
C CYS C 318 -6.78 13.32 -11.81
N ILE C 319 -6.92 12.33 -12.69
CA ILE C 319 -6.50 10.95 -12.38
C ILE C 319 -5.49 10.40 -13.38
N GLU C 320 -4.53 9.65 -12.87
CA GLU C 320 -3.48 9.05 -13.69
C GLU C 320 -3.76 7.55 -13.68
N TYR C 321 -4.06 6.98 -14.85
CA TYR C 321 -4.36 5.55 -14.96
C TYR C 321 -3.27 4.77 -15.66
N ARG C 322 -3.14 3.49 -15.31
CA ARG C 322 -2.19 2.61 -15.99
C ARG C 322 -3.03 1.99 -17.11
N PRO C 323 -2.81 2.39 -18.37
CA PRO C 323 -3.57 1.85 -19.50
C PRO C 323 -3.15 0.46 -19.94
N ASN C 324 -4.13 -0.32 -20.39
CA ASN C 324 -3.89 -1.67 -20.87
C ASN C 324 -3.52 -1.57 -22.34
N PRO C 325 -2.42 -2.21 -22.75
CA PRO C 325 -1.95 -2.19 -24.14
C PRO C 325 -3.04 -2.43 -25.20
N ASN C 326 -4.03 -3.24 -24.85
CA ASN C 326 -5.14 -3.57 -25.74
C ASN C 326 -6.19 -2.46 -25.79
N ALA C 327 -6.26 -1.66 -24.73
CA ALA C 327 -7.24 -0.57 -24.65
C ALA C 327 -7.12 0.45 -25.77
N MET C 328 -8.22 1.03 -26.20
CA MET C 328 -8.18 2.01 -27.27
C MET C 328 -7.63 3.31 -26.77
N LEU C 329 -7.73 3.41 -25.47
CA LEU C 329 -7.32 4.50 -24.62
C LEU C 329 -5.84 4.78 -24.58
N TYR C 330 -5.06 3.73 -24.71
CA TYR C 330 -3.62 3.79 -24.68
C TYR C 330 -2.96 4.72 -25.66
N GLN C 331 -3.47 4.82 -26.85
CA GLN C 331 -2.85 5.70 -27.83
C GLN C 331 -2.81 7.17 -27.39
N PHE C 332 -3.41 7.47 -26.24
CA PHE C 332 -3.43 8.82 -25.69
C PHE C 332 -2.47 8.96 -24.53
N GLY C 333 -1.83 7.85 -24.15
CA GLY C 333 -0.91 7.86 -23.04
C GLY C 333 0.41 8.58 -23.26
N HIS C 334 1.16 8.71 -22.18
CA HIS C 334 2.45 9.38 -22.17
C HIS C 334 3.09 8.92 -20.87
N ASP C 335 4.32 9.37 -20.62
CA ASP C 335 4.99 9.00 -19.38
C ASP C 335 4.60 9.95 -18.24
N SER C 336 4.47 9.42 -17.03
CA SER C 336 4.14 10.28 -15.90
C SER C 336 5.32 11.25 -15.82
N PRO C 337 5.06 12.50 -15.48
CA PRO C 337 6.15 13.48 -15.38
C PRO C 337 7.17 13.12 -14.32
N PRO C 338 8.40 13.55 -14.56
CA PRO C 338 9.53 13.30 -13.66
C PRO C 338 9.43 14.02 -12.33
N LEU C 339 10.19 13.54 -11.35
CA LEU C 339 10.20 14.11 -10.02
C LEU C 339 10.50 15.59 -9.98
N ASP C 340 9.73 16.30 -9.18
CA ASP C 340 9.88 17.74 -9.00
C ASP C 340 9.73 18.00 -7.50
N GLU C 341 10.83 17.89 -6.79
CA GLU C 341 10.85 18.10 -5.36
C GLU C 341 10.10 19.34 -4.90
N VAL C 342 10.38 20.45 -5.56
CA VAL C 342 9.73 21.71 -5.21
C VAL C 342 8.22 21.58 -5.27
N ALA C 343 7.70 21.06 -6.38
CA ALA C 343 6.26 20.90 -6.55
C ALA C 343 5.67 19.98 -5.48
N LEU C 344 6.36 18.88 -5.19
CA LEU C 344 5.86 17.94 -4.18
C LEU C 344 5.81 18.55 -2.81
N GLN C 345 6.67 19.52 -2.57
CA GLN C 345 6.72 20.18 -1.29
C GLN C 345 5.66 21.28 -1.21
N GLU C 346 5.55 22.07 -2.27
CA GLU C 346 4.55 23.14 -2.28
C GLU C 346 3.18 22.53 -2.14
N TYR C 347 2.98 21.40 -2.81
CA TYR C 347 1.71 20.70 -2.76
C TYR C 347 1.29 20.51 -1.30
N ARG C 348 2.18 19.87 -0.54
CA ARG C 348 1.92 19.59 0.87
C ARG C 348 1.64 20.83 1.68
N THR C 349 2.46 21.85 1.47
CA THR C 349 2.33 23.11 2.17
C THR C 349 1.02 23.80 1.85
N VAL C 350 0.78 24.02 0.56
CA VAL C 350 -0.45 24.68 0.13
C VAL C 350 -1.67 23.92 0.64
N ALA C 351 -1.64 22.61 0.47
CA ALA C 351 -2.74 21.77 0.90
C ALA C 351 -3.13 22.03 2.34
N ARG C 352 -2.22 21.87 3.27
CA ARG C 352 -2.55 22.10 4.67
C ARG C 352 -2.71 23.55 5.09
N SER C 353 -2.48 24.46 4.16
CA SER C 353 -2.59 25.87 4.48
C SER C 353 -3.92 26.43 4.04
N LEU C 354 -4.57 25.73 3.11
CA LEU C 354 -5.86 26.17 2.60
C LEU C 354 -6.96 25.81 3.58
N PRO C 355 -8.02 26.62 3.64
CA PRO C 355 -9.16 26.39 4.54
C PRO C 355 -9.99 25.21 4.02
N VAL C 356 -10.81 24.62 4.88
CA VAL C 356 -11.63 23.48 4.48
C VAL C 356 -12.33 23.74 3.14
N ALA C 357 -12.94 24.92 3.03
CA ALA C 357 -13.62 25.34 1.81
C ALA C 357 -13.69 26.86 1.83
N VAL C 358 -14.14 27.45 0.73
CA VAL C 358 -14.28 28.90 0.64
C VAL C 358 -15.60 29.16 -0.06
N ILE C 359 -16.13 30.37 0.05
CA ILE C 359 -17.37 30.67 -0.62
C ILE C 359 -17.12 30.61 -2.11
N ALA C 360 -18.18 30.41 -2.87
CA ALA C 360 -18.07 30.28 -4.32
C ALA C 360 -17.42 31.46 -5.02
N ALA C 361 -17.67 32.67 -4.54
CA ALA C 361 -17.11 33.86 -5.17
C ALA C 361 -15.58 33.86 -5.32
N GLN C 362 -14.92 32.81 -4.82
CA GLN C 362 -13.45 32.72 -4.91
C GLN C 362 -12.89 31.32 -5.19
N ASN C 363 -13.00 30.88 -6.45
CA ASN C 363 -12.52 29.56 -6.85
C ASN C 363 -11.60 29.56 -8.09
N ALA D 1 -10.62 37.43 -3.35
CA ALA D 1 -9.53 37.20 -4.34
C ALA D 1 -9.69 35.84 -5.00
N SER D 2 -8.94 35.64 -6.09
CA SER D 2 -8.97 34.39 -6.86
C SER D 2 -8.45 33.21 -6.03
N MET D 3 -8.68 31.99 -6.50
CA MET D 3 -8.20 30.81 -5.80
C MET D 3 -6.75 30.51 -6.16
N TRP D 4 -6.40 30.75 -7.43
CA TRP D 4 -5.04 30.51 -7.88
C TRP D 4 -4.11 31.57 -7.30
N GLU D 5 -4.68 32.71 -6.92
CA GLU D 5 -3.90 33.79 -6.32
C GLU D 5 -3.69 33.51 -4.84
N ARG D 6 -4.70 32.94 -4.20
CA ARG D 6 -4.63 32.59 -2.79
C ARG D 6 -3.54 31.54 -2.60
N VAL D 7 -3.41 30.68 -3.60
CA VAL D 7 -2.43 29.60 -3.62
C VAL D 7 -1.05 30.12 -4.02
N LYS D 8 -1.01 31.03 -4.99
CA LYS D 8 0.26 31.59 -5.45
C LYS D 8 0.91 32.37 -4.30
N SER D 9 0.09 32.78 -3.32
CA SER D 9 0.56 33.53 -2.16
C SER D 9 1.18 32.60 -1.12
N ILE D 10 0.51 31.49 -0.86
CA ILE D 10 1.00 30.52 0.11
C ILE D 10 2.33 29.91 -0.37
N ILE D 11 2.51 29.83 -1.68
CA ILE D 11 3.73 29.29 -2.29
C ILE D 11 4.90 30.26 -2.14
N LYS D 12 4.63 31.54 -2.37
CA LYS D 12 5.67 32.57 -2.28
C LYS D 12 5.94 32.99 -0.83
N SER D 13 5.02 32.68 0.09
CA SER D 13 5.20 33.02 1.50
C SER D 13 6.07 31.98 2.20
N SER D 14 5.91 30.71 1.81
CA SER D 14 6.68 29.63 2.40
C SER D 14 8.03 29.49 1.70
N LEU D 15 8.08 29.87 0.41
CA LEU D 15 9.30 29.80 -0.37
C LEU D 15 10.13 31.06 -0.06
N ALA D 16 9.64 31.82 0.93
CA ALA D 16 10.30 33.04 1.39
C ALA D 16 11.14 32.71 2.62
N ALA D 17 10.76 31.63 3.31
CA ALA D 17 11.48 31.15 4.50
C ALA D 17 12.51 30.11 4.05
N ALA D 18 12.60 29.92 2.73
CA ALA D 18 13.53 28.97 2.12
C ALA D 18 14.69 29.70 1.45
N SER D 19 14.53 31.00 1.25
CA SER D 19 15.54 31.86 0.64
C SER D 19 15.09 33.31 0.61
N ALA E 55 25.31 20.53 16.24
CA ALA E 55 25.10 19.53 15.15
C ALA E 55 23.65 19.03 15.11
N LEU E 56 23.04 18.84 16.28
CA LEU E 56 21.65 18.38 16.36
C LEU E 56 20.68 19.52 16.05
N THR E 57 21.22 20.60 15.50
CA THR E 57 20.42 21.76 15.15
C THR E 57 20.00 21.72 13.69
N ARG E 58 20.47 20.69 12.98
CA ARG E 58 20.13 20.55 11.57
C ARG E 58 18.79 19.85 11.46
N LEU E 59 18.29 19.38 12.59
CA LEU E 59 17.01 18.68 12.67
C LEU E 59 15.93 19.67 13.07
N SER E 60 14.73 19.48 12.56
CA SER E 60 13.62 20.36 12.92
C SER E 60 13.21 19.95 14.34
N GLN E 61 12.43 20.80 14.99
CA GLN E 61 11.99 20.50 16.34
C GLN E 61 11.34 19.11 16.35
N PRO E 62 10.35 18.87 15.47
CA PRO E 62 9.64 17.59 15.39
C PRO E 62 10.58 16.46 14.98
N GLY E 63 11.49 16.75 14.05
CA GLY E 63 12.42 15.74 13.60
C GLY E 63 13.18 15.17 14.77
N LEU E 64 13.58 16.04 15.69
CA LEU E 64 14.32 15.61 16.87
C LEU E 64 13.41 14.83 17.83
N ALA E 65 12.22 15.37 18.07
CA ALA E 65 11.25 14.73 18.95
C ALA E 65 10.96 13.33 18.43
N PHE E 66 10.79 13.25 17.11
CA PHE E 66 10.51 12.01 16.41
C PHE E 66 11.56 10.95 16.72
N LEU E 67 12.81 11.34 16.65
CA LEU E 67 13.89 10.43 16.92
C LEU E 67 13.86 9.93 18.35
N LYS E 68 13.44 10.80 19.27
CA LYS E 68 13.40 10.41 20.67
C LYS E 68 12.29 9.39 20.92
N CYS E 69 11.08 9.63 20.40
CA CYS E 69 9.99 8.67 20.62
C CYS E 69 10.45 7.35 20.02
N ALA E 70 11.09 7.44 18.86
CA ALA E 70 11.57 6.28 18.16
C ALA E 70 12.54 5.37 18.90
N PHE E 71 13.62 5.93 19.43
CA PHE E 71 14.62 5.09 20.08
C PHE E 71 14.84 5.15 21.57
N ALA E 72 14.38 6.21 22.23
CA ALA E 72 14.60 6.28 23.67
C ALA E 72 13.44 6.93 24.39
N PRO E 73 12.24 6.33 24.31
CA PRO E 73 11.12 6.96 25.01
C PRO E 73 11.22 7.00 26.53
N PRO E 74 11.97 6.04 27.14
CA PRO E 74 12.12 5.99 28.59
C PRO E 74 13.07 7.04 29.18
N ASP E 75 13.91 7.63 28.32
CA ASP E 75 14.86 8.64 28.76
C ASP E 75 14.23 10.02 28.92
N PHE E 76 12.99 10.16 28.48
CA PHE E 76 12.32 11.45 28.58
C PHE E 76 11.08 11.43 29.46
N ASN E 77 10.93 12.51 30.21
CA ASN E 77 9.82 12.66 31.12
C ASN E 77 8.47 12.74 30.43
N THR E 78 8.38 13.47 29.33
CA THR E 78 7.11 13.59 28.63
C THR E 78 7.17 14.14 27.22
N ASP E 79 6.07 13.98 26.49
CA ASP E 79 5.95 14.46 25.11
C ASP E 79 7.09 14.06 24.21
N PRO E 80 7.33 12.77 24.07
CA PRO E 80 8.41 12.30 23.23
C PRO E 80 8.30 12.74 21.77
N GLY E 81 7.11 12.72 21.16
CA GLY E 81 7.00 13.13 19.77
C GLY E 81 5.73 13.82 19.31
N LYS E 82 5.85 14.63 18.26
CA LYS E 82 4.71 15.35 17.71
C LYS E 82 4.23 14.80 16.37
N GLY E 83 4.81 13.71 15.91
CA GLY E 83 4.42 13.11 14.65
C GLY E 83 5.58 12.68 13.78
N ILE E 84 5.28 12.21 12.58
CA ILE E 84 6.33 11.78 11.68
C ILE E 84 6.68 12.89 10.72
N PRO E 85 7.96 13.26 10.70
CA PRO E 85 8.44 14.31 9.83
C PRO E 85 8.69 13.75 8.45
N ASP E 86 7.60 13.48 7.76
CA ASP E 86 7.62 12.94 6.43
C ASP E 86 6.79 13.90 5.62
N ARG E 87 6.63 13.65 4.34
CA ARG E 87 5.84 14.54 3.52
C ARG E 87 4.43 14.74 3.98
N PHE E 88 3.81 13.71 4.50
CA PHE E 88 2.44 13.84 4.96
C PHE E 88 2.28 14.89 6.05
N GLU E 89 1.31 15.77 5.83
CA GLU E 89 0.99 16.86 6.74
C GLU E 89 -0.52 16.98 6.98
N GLY E 90 -1.22 15.87 6.81
CA GLY E 90 -2.66 15.89 7.03
C GLY E 90 -2.96 15.80 8.51
N LYS E 91 -4.23 15.93 8.88
CA LYS E 91 -4.59 15.89 10.29
C LYS E 91 -4.44 14.50 10.93
N VAL E 92 -3.76 14.43 12.05
CA VAL E 92 -3.57 13.16 12.75
C VAL E 92 -3.66 13.38 14.25
N VAL E 93 -3.68 12.28 14.99
CA VAL E 93 -3.71 12.35 16.44
C VAL E 93 -2.56 11.46 16.90
N SER E 94 -1.62 12.03 17.64
CA SER E 94 -0.46 11.30 18.13
C SER E 94 -0.80 10.58 19.43
N ARG E 95 -1.02 9.29 19.34
CA ARG E 95 -1.35 8.48 20.49
C ARG E 95 -0.07 8.00 21.16
N LYS E 96 0.09 8.33 22.43
CA LYS E 96 1.27 7.91 23.19
C LYS E 96 0.83 6.73 24.06
N ASP E 97 1.02 5.53 23.54
CA ASP E 97 0.64 4.34 24.26
C ASP E 97 1.77 3.89 25.18
N VAL E 98 1.47 3.71 26.46
CA VAL E 98 2.47 3.23 27.41
C VAL E 98 1.82 2.24 28.36
N LEU E 99 2.52 1.13 28.57
CA LEU E 99 2.04 0.08 29.43
C LEU E 99 3.01 -0.16 30.57
N ASN E 100 2.48 -0.52 31.73
CA ASN E 100 3.29 -0.84 32.88
C ASN E 100 2.66 -2.11 33.43
N GLN E 101 3.22 -3.24 33.03
CA GLN E 101 2.69 -4.52 33.47
C GLN E 101 3.65 -5.28 34.37
N SER E 102 3.21 -5.61 35.58
CA SER E 102 4.03 -6.39 36.49
C SER E 102 3.88 -7.80 35.93
N ILE E 103 4.97 -8.54 35.86
CA ILE E 103 4.87 -9.87 35.30
C ILE E 103 5.82 -10.87 35.95
N SER E 104 5.25 -12.02 36.32
CA SER E 104 5.98 -13.12 36.97
C SER E 104 6.09 -14.24 35.93
N PHE E 105 7.27 -14.80 35.76
CA PHE E 105 7.47 -15.89 34.80
C PHE E 105 7.48 -17.21 35.53
N THR E 106 6.59 -18.12 35.14
CA THR E 106 6.52 -19.42 35.79
C THR E 106 7.77 -20.25 35.55
N ALA E 107 8.28 -20.86 36.62
CA ALA E 107 9.48 -21.69 36.56
C ALA E 107 9.27 -22.94 35.70
N GLY E 108 10.33 -23.38 35.04
CA GLY E 108 10.24 -24.56 34.19
C GLY E 108 9.61 -24.24 32.85
N GLN E 109 9.21 -22.99 32.68
CA GLN E 109 8.59 -22.55 31.44
C GLN E 109 9.42 -21.50 30.73
N ASP E 110 9.34 -21.53 29.41
CA ASP E 110 10.01 -20.54 28.57
C ASP E 110 8.85 -19.70 28.09
N THR E 111 8.78 -18.47 28.61
CA THR E 111 7.71 -17.57 28.26
C THR E 111 8.07 -16.78 27.01
N PHE E 112 7.14 -16.74 26.05
CA PHE E 112 7.35 -16.00 24.80
C PHE E 112 6.47 -14.78 24.74
N ILE E 113 7.10 -13.63 24.55
CA ILE E 113 6.40 -12.36 24.45
C ILE E 113 6.61 -11.76 23.08
N LEU E 114 5.53 -11.33 22.44
CA LEU E 114 5.61 -10.73 21.13
C LEU E 114 5.12 -9.31 21.15
N ILE E 115 6.00 -8.38 20.78
CA ILE E 115 5.61 -6.98 20.73
C ILE E 115 5.29 -6.79 19.26
N ALA E 116 4.01 -6.89 18.92
CA ALA E 116 3.56 -6.76 17.56
C ALA E 116 2.94 -5.41 17.30
N PRO E 117 2.94 -5.04 16.03
CA PRO E 117 2.37 -3.75 15.65
C PRO E 117 0.88 -3.86 15.53
N THR E 118 0.23 -4.20 16.64
CA THR E 118 -1.20 -4.32 16.66
C THR E 118 -1.66 -3.18 17.53
N PRO E 119 -2.34 -2.24 16.91
CA PRO E 119 -2.85 -1.06 17.62
C PRO E 119 -3.63 -1.38 18.89
N GLY E 120 -3.29 -0.69 19.97
CA GLY E 120 -4.00 -0.87 21.23
C GLY E 120 -3.60 -2.03 22.11
N VAL E 121 -2.88 -3.00 21.52
CA VAL E 121 -2.45 -4.17 22.25
C VAL E 121 -0.93 -4.13 22.41
N ALA E 122 -0.48 -3.96 23.65
CA ALA E 122 0.94 -3.87 23.94
C ALA E 122 1.71 -5.10 23.46
N TYR E 123 1.37 -6.27 23.97
CA TYR E 123 2.05 -7.49 23.57
C TYR E 123 1.18 -8.71 23.68
N TRP E 124 1.69 -9.82 23.18
CA TRP E 124 1.00 -11.10 23.19
C TRP E 124 1.95 -12.11 23.79
N SER E 125 1.45 -13.06 24.57
CA SER E 125 2.35 -14.05 25.12
C SER E 125 1.75 -15.42 25.33
N ALA E 126 2.63 -16.37 25.60
CA ALA E 126 2.27 -17.76 25.86
C ALA E 126 3.53 -18.38 26.43
N SER E 127 3.38 -19.34 27.34
CA SER E 127 4.55 -20.00 27.91
C SER E 127 4.54 -21.44 27.40
N VAL E 128 5.72 -22.00 27.27
CA VAL E 128 5.90 -23.36 26.79
C VAL E 128 6.92 -24.06 27.64
N PRO E 129 6.93 -25.38 27.62
CA PRO E 129 7.92 -26.09 28.44
C PRO E 129 9.35 -25.62 28.19
N ALA E 130 10.14 -25.55 29.25
CA ALA E 130 11.51 -25.11 29.13
C ALA E 130 12.23 -25.82 27.98
N GLY E 131 13.01 -25.06 27.22
CA GLY E 131 13.75 -25.62 26.10
C GLY E 131 12.97 -25.84 24.82
N THR E 132 11.68 -25.53 24.83
CA THR E 132 10.88 -25.72 23.64
C THR E 132 10.37 -24.40 23.08
N PHE E 133 9.68 -24.46 21.94
CA PHE E 133 9.12 -23.27 21.31
C PHE E 133 7.63 -23.44 21.08
N PRO E 134 6.95 -22.37 20.65
CA PRO E 134 5.50 -22.48 20.40
C PRO E 134 5.23 -23.58 19.38
N THR E 135 4.15 -24.31 19.55
CA THR E 135 3.78 -25.38 18.63
C THR E 135 2.37 -25.11 18.14
N SER E 136 1.85 -25.98 17.29
CA SER E 136 0.50 -25.80 16.76
C SER E 136 -0.50 -25.75 17.93
N ALA E 137 -0.06 -26.29 19.06
CA ALA E 137 -0.88 -26.32 20.28
C ALA E 137 -0.85 -25.01 21.06
N THR E 138 -0.06 -24.05 20.59
CA THR E 138 0.05 -22.79 21.30
C THR E 138 -0.91 -21.69 20.86
N THR E 139 -1.34 -20.90 21.84
CA THR E 139 -2.24 -19.78 21.62
C THR E 139 -1.71 -18.58 22.39
N PHE E 140 -1.45 -17.50 21.67
CA PHE E 140 -0.97 -16.29 22.31
C PHE E 140 -2.14 -15.40 22.66
N ASN E 141 -2.05 -14.82 23.86
CA ASN E 141 -3.06 -13.92 24.41
C ASN E 141 -2.48 -12.55 24.68
N PRO E 142 -3.21 -11.53 24.28
CA PRO E 142 -2.82 -10.12 24.44
C PRO E 142 -3.03 -9.44 25.78
N VAL E 143 -2.25 -8.37 25.97
CA VAL E 143 -2.29 -7.55 27.16
C VAL E 143 -2.48 -6.17 26.54
N ASN E 144 -3.63 -5.56 26.79
CA ASN E 144 -3.95 -4.27 26.19
C ASN E 144 -3.29 -3.05 26.80
N TYR E 145 -3.22 -1.99 26.02
CA TYR E 145 -2.71 -0.71 26.47
C TYR E 145 -3.91 -0.03 27.11
N PRO E 146 -3.68 0.79 28.13
CA PRO E 146 -4.77 1.48 28.78
C PRO E 146 -5.67 2.19 27.76
N GLY E 147 -6.99 1.98 27.88
CA GLY E 147 -7.93 2.62 26.99
C GLY E 147 -8.31 1.93 25.68
N PHE E 148 -7.94 0.66 25.52
CA PHE E 148 -8.28 -0.04 24.29
C PHE E 148 -9.72 0.20 23.82
N THR E 149 -10.68 -0.10 24.69
CA THR E 149 -12.08 0.07 24.31
C THR E 149 -12.48 1.51 24.12
N SER E 150 -11.78 2.44 24.77
CA SER E 150 -12.11 3.86 24.62
C SER E 150 -11.78 4.31 23.21
N MET E 151 -11.07 3.46 22.48
CA MET E 151 -10.69 3.77 21.12
C MET E 151 -11.29 2.85 20.07
N PHE E 152 -11.41 1.57 20.40
CA PHE E 152 -11.90 0.63 19.41
C PHE E 152 -13.24 -0.01 19.70
N GLY E 153 -13.97 0.54 20.66
CA GLY E 153 -15.27 0.02 20.97
C GLY E 153 -15.32 -1.30 21.72
N THR E 154 -16.52 -1.88 21.75
CA THR E 154 -16.75 -3.13 22.46
C THR E 154 -17.25 -4.30 21.63
N THR E 155 -17.31 -4.13 20.32
CA THR E 155 -17.73 -5.23 19.45
C THR E 155 -16.74 -5.29 18.31
N SER E 156 -16.52 -6.46 17.75
CA SER E 156 -15.55 -6.59 16.68
C SER E 156 -15.86 -5.77 15.43
N THR E 157 -17.01 -5.11 15.38
CA THR E 157 -17.32 -4.30 14.20
C THR E 157 -17.48 -2.80 14.46
N SER E 158 -16.84 -2.33 15.54
CA SER E 158 -16.89 -0.93 15.89
C SER E 158 -15.46 -0.39 16.07
N ARG E 159 -14.51 -1.06 15.43
CA ARG E 159 -13.12 -0.68 15.50
C ARG E 159 -12.79 0.62 14.76
N SER E 160 -13.52 0.93 13.69
CA SER E 160 -13.26 2.14 12.90
C SER E 160 -14.19 3.28 13.26
N ASP E 161 -14.74 3.23 14.47
CA ASP E 161 -15.67 4.28 14.88
C ASP E 161 -14.96 5.60 15.20
N GLN E 162 -13.85 5.51 15.92
CA GLN E 162 -13.05 6.67 16.33
C GLN E 162 -12.03 7.10 15.27
N VAL E 163 -11.21 6.14 14.83
CA VAL E 163 -10.17 6.39 13.85
C VAL E 163 -10.36 5.44 12.67
N SER E 164 -9.83 5.81 11.51
CA SER E 164 -9.97 5.00 10.31
C SER E 164 -8.68 4.32 9.84
N SER E 165 -7.53 4.93 10.12
CA SER E 165 -6.26 4.34 9.70
C SER E 165 -5.12 4.76 10.63
N PHE E 166 -3.91 4.26 10.37
CA PHE E 166 -2.80 4.56 11.24
C PHE E 166 -1.42 4.20 10.66
N ARG E 167 -0.41 4.69 11.36
CA ARG E 167 0.98 4.44 10.99
C ARG E 167 1.78 4.49 12.29
N TYR E 168 2.59 3.48 12.54
CA TYR E 168 3.39 3.45 13.76
C TYR E 168 4.60 4.35 13.59
N ALA E 169 4.97 5.07 14.65
CA ALA E 169 6.14 5.93 14.61
C ALA E 169 7.23 5.22 15.43
N SER E 170 6.82 4.59 16.53
CA SER E 170 7.76 3.87 17.37
C SER E 170 7.11 2.68 18.07
N MET E 171 7.96 1.79 18.55
CA MET E 171 7.51 0.61 19.25
C MET E 171 8.71 0.14 20.08
N ASN E 172 8.66 0.40 21.38
CA ASN E 172 9.76 0.05 22.28
C ASN E 172 9.26 -0.77 23.45
N VAL E 173 10.16 -1.59 24.00
CA VAL E 173 9.82 -2.41 25.14
C VAL E 173 11.01 -2.53 26.10
N GLY E 174 10.70 -2.56 27.40
CA GLY E 174 11.75 -2.70 28.40
C GLY E 174 11.28 -3.66 29.47
N ILE E 175 12.20 -4.47 29.98
CA ILE E 175 11.88 -5.43 31.03
C ILE E 175 12.80 -5.14 32.21
N TYR E 176 12.20 -4.72 33.32
CA TYR E 176 12.97 -4.37 34.50
C TYR E 176 12.77 -5.35 35.65
N PRO E 177 13.72 -6.28 35.81
CA PRO E 177 13.71 -7.30 36.85
C PRO E 177 13.38 -6.76 38.24
N THR E 178 12.51 -7.47 38.94
CA THR E 178 12.13 -7.08 40.28
C THR E 178 12.40 -8.20 41.28
N SER E 179 13.09 -9.25 40.85
CA SER E 179 13.40 -10.35 41.78
C SER E 179 14.72 -10.10 42.49
N ASN E 180 14.97 -10.82 43.58
CA ASN E 180 16.23 -10.63 44.30
C ASN E 180 17.37 -11.39 43.62
N LEU E 181 18.60 -11.09 44.01
CA LEU E 181 19.78 -11.70 43.40
C LEU E 181 20.12 -13.12 43.80
N MET E 182 19.36 -13.69 44.73
CA MET E 182 19.61 -15.04 45.19
C MET E 182 18.61 -16.06 44.65
N GLN E 183 17.51 -15.58 44.10
CA GLN E 183 16.43 -16.43 43.60
C GLN E 183 16.21 -16.54 42.10
N PHE E 184 16.58 -15.51 41.36
CA PHE E 184 16.38 -15.54 39.92
C PHE E 184 17.31 -16.58 39.28
N ALA E 185 17.11 -16.80 38.00
CA ALA E 185 17.91 -17.72 37.21
C ALA E 185 17.35 -17.58 35.81
N GLY E 186 18.06 -18.06 34.81
CA GLY E 186 17.52 -17.97 33.47
C GLY E 186 18.02 -16.80 32.65
N SER E 187 17.42 -16.65 31.47
CA SER E 187 17.84 -15.62 30.53
C SER E 187 16.73 -14.91 29.79
N ILE E 188 17.11 -13.81 29.16
CA ILE E 188 16.20 -13.04 28.33
C ILE E 188 16.86 -13.03 26.96
N THR E 189 16.13 -13.50 25.96
CA THR E 189 16.65 -13.57 24.61
C THR E 189 15.73 -12.75 23.72
N VAL E 190 16.31 -11.95 22.82
CA VAL E 190 15.50 -11.11 21.95
C VAL E 190 15.95 -11.11 20.49
N TRP E 191 14.97 -11.20 19.59
CA TRP E 191 15.23 -11.14 18.16
C TRP E 191 13.98 -10.55 17.50
N LYS E 192 14.10 -10.16 16.24
CA LYS E 192 12.99 -9.53 15.55
C LYS E 192 12.55 -10.25 14.29
N CYS E 193 11.23 -10.36 14.11
CA CYS E 193 10.67 -11.04 12.96
C CYS E 193 9.83 -10.19 12.03
N PRO E 194 10.03 -10.37 10.72
CA PRO E 194 9.30 -9.63 9.69
C PRO E 194 7.89 -10.17 9.47
N VAL E 195 7.10 -10.22 10.55
CA VAL E 195 5.73 -10.72 10.45
C VAL E 195 4.80 -9.73 9.75
N LYS E 196 4.10 -10.21 8.73
CA LYS E 196 3.16 -9.38 7.97
C LYS E 196 1.78 -10.05 8.02
N LEU E 197 0.74 -9.28 7.74
CA LEU E 197 -0.61 -9.83 7.72
C LEU E 197 -1.03 -10.00 6.26
N SER E 198 -0.98 -11.24 5.77
CA SER E 198 -1.30 -11.54 4.40
C SER E 198 -2.66 -12.25 4.32
N THR E 199 -2.82 -13.11 3.32
CA THR E 199 -4.06 -13.86 3.14
C THR E 199 -3.77 -15.26 2.62
N VAL E 200 -4.75 -16.14 2.78
CA VAL E 200 -4.63 -17.51 2.30
C VAL E 200 -5.89 -17.82 1.47
N GLN E 201 -5.69 -18.55 0.38
CA GLN E 201 -6.74 -18.94 -0.53
C GLN E 201 -6.94 -20.45 -0.57
N PHE E 202 -8.14 -20.89 -0.23
CA PHE E 202 -8.43 -22.32 -0.24
C PHE E 202 -9.88 -22.60 -0.58
N PRO E 203 -10.17 -23.80 -1.12
CA PRO E 203 -11.54 -24.16 -1.49
C PRO E 203 -12.31 -24.87 -0.37
N VAL E 204 -13.61 -24.58 -0.29
CA VAL E 204 -14.47 -25.22 0.71
C VAL E 204 -15.63 -25.93 -0.01
N ALA E 205 -15.87 -27.16 0.41
CA ALA E 205 -16.93 -27.98 -0.17
C ALA E 205 -18.31 -27.67 0.38
N THR E 206 -18.78 -26.47 0.13
CA THR E 206 -20.10 -26.08 0.57
C THR E 206 -20.95 -26.29 -0.66
N ASP E 207 -22.23 -25.97 -0.58
CA ASP E 207 -23.07 -26.11 -1.75
C ASP E 207 -23.81 -24.82 -2.04
N PRO E 208 -23.48 -24.16 -3.17
CA PRO E 208 -22.46 -24.57 -4.14
C PRO E 208 -21.06 -24.55 -3.55
N ALA E 209 -20.11 -25.22 -4.22
CA ALA E 209 -18.73 -25.23 -3.74
C ALA E 209 -18.17 -23.82 -3.91
N THR E 210 -17.35 -23.38 -2.97
CA THR E 210 -16.80 -22.04 -3.03
C THR E 210 -15.33 -21.93 -2.64
N SER E 211 -14.78 -20.73 -2.82
CA SER E 211 -13.38 -20.43 -2.49
C SER E 211 -13.32 -19.42 -1.35
N SER E 212 -12.50 -19.73 -0.35
CA SER E 212 -12.34 -18.82 0.78
C SER E 212 -11.05 -18.02 0.71
N LEU E 213 -11.11 -16.83 1.29
CA LEU E 213 -9.96 -15.94 1.37
C LEU E 213 -10.03 -15.37 2.76
N VAL E 214 -8.98 -15.58 3.54
CA VAL E 214 -8.96 -15.06 4.90
C VAL E 214 -7.59 -14.52 5.28
N HIS E 215 -7.56 -13.72 6.34
CA HIS E 215 -6.32 -13.15 6.83
C HIS E 215 -5.44 -14.26 7.38
N THR E 216 -4.14 -14.11 7.20
CA THR E 216 -3.23 -15.09 7.73
C THR E 216 -1.89 -14.38 7.99
N LEU E 217 -1.27 -14.70 9.10
CA LEU E 217 0.01 -14.08 9.42
C LEU E 217 1.17 -14.86 8.84
N VAL E 218 1.94 -14.20 7.98
CA VAL E 218 3.11 -14.83 7.38
C VAL E 218 4.38 -14.41 8.13
N GLY E 219 5.29 -15.36 8.34
CA GLY E 219 6.52 -15.04 9.03
C GLY E 219 6.55 -15.35 10.51
N LEU E 220 5.47 -15.90 11.04
CA LEU E 220 5.38 -16.26 12.46
C LEU E 220 6.35 -17.38 12.77
N ASP E 221 6.75 -18.07 11.73
CA ASP E 221 7.67 -19.18 11.85
C ASP E 221 8.99 -18.71 12.44
N GLY E 222 9.24 -17.41 12.34
CA GLY E 222 10.46 -16.83 12.88
C GLY E 222 10.55 -16.94 14.39
N VAL E 223 9.40 -17.17 15.01
CA VAL E 223 9.31 -17.29 16.46
C VAL E 223 9.70 -18.68 16.95
N LEU E 224 9.78 -19.64 16.03
CA LEU E 224 10.09 -21.00 16.42
C LEU E 224 11.55 -21.34 16.61
N ALA E 225 12.40 -20.32 16.57
CA ALA E 225 13.83 -20.50 16.77
C ALA E 225 14.46 -19.16 17.14
N VAL E 226 15.54 -19.19 17.91
CA VAL E 226 16.23 -17.96 18.30
C VAL E 226 16.95 -17.40 17.07
N GLY E 227 16.53 -16.21 16.64
CA GLY E 227 17.15 -15.60 15.47
C GLY E 227 18.64 -15.42 15.60
N PRO E 228 19.40 -15.54 14.50
CA PRO E 228 20.86 -15.37 14.52
C PRO E 228 21.26 -14.00 15.04
N ASP E 229 20.47 -12.97 14.71
CA ASP E 229 20.73 -11.62 15.18
C ASP E 229 19.90 -11.47 16.44
N ASN E 230 20.54 -11.58 17.59
CA ASN E 230 19.80 -11.53 18.84
C ASN E 230 20.60 -11.04 20.02
N PHE E 231 19.86 -10.72 21.08
CA PHE E 231 20.42 -10.29 22.34
C PHE E 231 20.07 -11.42 23.29
N SER E 232 21.02 -11.87 24.07
CA SER E 232 20.76 -12.93 25.03
C SER E 232 21.67 -12.63 26.20
N GLU E 233 21.08 -12.61 27.40
CA GLU E 233 21.84 -12.33 28.61
C GLU E 233 21.05 -12.73 29.86
N SER E 234 21.74 -12.79 31.00
CA SER E 234 21.13 -13.15 32.26
C SER E 234 19.84 -12.39 32.51
N PHE E 235 18.86 -13.08 33.05
CA PHE E 235 17.57 -12.48 33.33
C PHE E 235 17.69 -11.24 34.20
N ILE E 236 18.51 -11.32 35.23
CA ILE E 236 18.63 -10.20 36.17
C ILE E 236 19.06 -8.87 35.55
N LYS E 237 19.66 -8.92 34.37
CA LYS E 237 20.11 -7.69 33.70
C LYS E 237 18.99 -6.99 32.93
N GLY E 238 17.85 -7.65 32.79
CA GLY E 238 16.74 -7.04 32.08
C GLY E 238 17.07 -6.77 30.62
N VAL E 239 16.24 -5.96 29.97
CA VAL E 239 16.47 -5.62 28.58
C VAL E 239 15.60 -4.46 28.11
N PHE E 240 16.08 -3.80 27.06
CA PHE E 240 15.37 -2.71 26.44
C PHE E 240 15.63 -2.91 24.96
N SER E 241 14.58 -2.78 24.15
CA SER E 241 14.75 -2.96 22.73
C SER E 241 13.65 -2.23 22.00
N GLN E 242 13.91 -1.91 20.74
CA GLN E 242 12.93 -1.23 19.95
C GLN E 242 12.88 -1.75 18.53
N SER E 243 11.76 -1.51 17.89
CA SER E 243 11.53 -1.94 16.53
C SER E 243 11.56 -0.72 15.64
N ALA E 244 11.61 -0.94 14.34
CA ALA E 244 11.64 0.15 13.37
C ALA E 244 10.74 -0.15 12.18
N CYS E 245 10.37 0.90 11.47
CA CYS E 245 9.53 0.77 10.30
C CYS E 245 10.17 -0.20 9.31
N ASN E 246 9.43 -1.24 8.89
CA ASN E 246 10.01 -2.20 7.96
C ASN E 246 9.68 -1.91 6.51
N GLU E 247 9.49 -0.64 6.18
CA GLU E 247 9.20 -0.20 4.82
C GLU E 247 10.05 1.02 4.48
N PRO E 248 10.29 1.29 3.18
CA PRO E 248 11.12 2.46 2.82
C PRO E 248 10.45 3.80 3.20
N ASP E 249 9.26 3.72 3.78
CA ASP E 249 8.53 4.92 4.22
C ASP E 249 7.32 4.59 5.08
N PHE E 250 6.73 5.63 5.68
CA PHE E 250 5.60 5.45 6.59
C PHE E 250 4.23 5.55 5.94
N GLU E 251 3.77 4.40 5.46
CA GLU E 251 2.47 4.30 4.80
C GLU E 251 1.41 4.12 5.87
N PHE E 252 0.19 4.55 5.56
CA PHE E 252 -0.93 4.37 6.47
C PHE E 252 -1.58 3.02 6.19
N ASN E 253 -2.08 2.37 7.23
CA ASN E 253 -2.77 1.10 7.08
C ASN E 253 -4.17 1.35 7.59
N ASP E 254 -5.13 0.58 7.10
CA ASP E 254 -6.51 0.77 7.51
C ASP E 254 -6.84 -0.01 8.76
N ILE E 255 -7.84 0.47 9.49
CA ILE E 255 -8.30 -0.23 10.67
C ILE E 255 -9.03 -1.45 10.12
N LEU E 256 -8.85 -2.60 10.76
CA LEU E 256 -9.49 -3.83 10.32
C LEU E 256 -10.68 -4.18 11.21
N GLU E 257 -11.81 -4.49 10.59
CA GLU E 257 -13.01 -4.83 11.34
C GLU E 257 -13.20 -6.34 11.49
N GLY E 258 -13.81 -6.72 12.59
CA GLY E 258 -14.13 -8.12 12.85
C GLY E 258 -13.08 -9.14 13.23
N ILE E 259 -11.80 -8.76 13.29
CA ILE E 259 -10.78 -9.75 13.64
C ILE E 259 -10.63 -9.99 15.14
N GLN E 260 -11.03 -11.19 15.58
CA GLN E 260 -10.91 -11.56 16.99
C GLN E 260 -9.89 -12.67 17.14
N THR E 261 -9.69 -13.46 16.09
CA THR E 261 -8.72 -14.53 16.14
C THR E 261 -8.07 -14.79 14.80
N LEU E 262 -6.86 -15.34 14.86
CA LEU E 262 -6.11 -15.70 13.66
C LEU E 262 -5.41 -17.01 14.01
N PRO E 263 -5.84 -18.12 13.36
CA PRO E 263 -6.91 -18.21 12.35
C PRO E 263 -8.30 -17.82 12.82
N PRO E 264 -9.15 -17.34 11.90
CA PRO E 264 -10.53 -16.91 12.18
C PRO E 264 -11.41 -18.04 12.70
N ALA E 265 -12.59 -17.69 13.19
CA ALA E 265 -13.51 -18.70 13.66
C ALA E 265 -13.95 -19.43 12.40
N ASN E 266 -14.03 -20.76 12.47
CA ASN E 266 -14.42 -21.62 11.36
C ASN E 266 -13.29 -21.92 10.39
N VAL E 267 -12.08 -21.47 10.73
CA VAL E 267 -10.93 -21.74 9.88
C VAL E 267 -9.95 -22.54 10.71
N SER E 268 -9.44 -23.60 10.13
CA SER E 268 -8.51 -24.46 10.84
C SER E 268 -7.10 -23.97 10.66
N LEU E 269 -6.31 -24.07 11.71
CA LEU E 269 -4.91 -23.68 11.62
C LEU E 269 -4.42 -24.66 10.56
N GLY E 270 -3.26 -24.44 9.98
CA GLY E 270 -2.82 -25.42 9.01
C GLY E 270 -3.46 -25.20 7.65
N SER E 271 -4.70 -24.74 7.60
CA SER E 271 -5.27 -24.43 6.31
C SER E 271 -4.83 -22.97 6.08
N THR E 272 -4.24 -22.38 7.13
CA THR E 272 -3.73 -21.00 7.13
C THR E 272 -2.21 -20.93 6.96
N GLY E 273 -1.49 -21.93 7.44
CA GLY E 273 -0.04 -21.89 7.32
C GLY E 273 0.61 -21.36 8.58
N GLN E 274 -0.17 -20.73 9.46
CA GLN E 274 0.37 -20.20 10.71
C GLN E 274 0.83 -21.34 11.60
N PRO E 275 1.97 -21.19 12.30
CA PRO E 275 2.48 -22.23 13.18
C PRO E 275 1.75 -22.28 14.53
N PHE E 276 1.00 -21.22 14.84
CA PHE E 276 0.24 -21.19 16.08
C PHE E 276 -0.90 -20.18 16.01
N THR E 277 -1.59 -19.99 17.12
CA THR E 277 -2.75 -19.11 17.16
C THR E 277 -2.66 -17.82 17.95
N MET E 278 -3.35 -16.81 17.41
CA MET E 278 -3.44 -15.50 18.03
C MET E 278 -4.91 -15.37 18.42
N ASP E 279 -5.16 -15.24 19.72
CA ASP E 279 -6.53 -15.13 20.19
C ASP E 279 -6.70 -13.90 21.07
N SER E 280 -7.36 -12.87 20.53
CA SER E 280 -7.55 -11.64 21.29
C SER E 280 -8.64 -11.75 22.35
N GLY E 281 -9.47 -12.79 22.24
CA GLY E 281 -10.51 -13.00 23.22
C GLY E 281 -11.86 -12.34 22.97
N ALA E 282 -12.45 -11.85 24.05
CA ALA E 282 -13.74 -11.20 24.01
C ALA E 282 -13.70 -9.91 23.22
N GLU E 283 -14.59 -9.79 22.25
CA GLU E 283 -14.66 -8.60 21.43
C GLU E 283 -14.86 -7.36 22.29
N ALA E 284 -15.52 -7.55 23.43
CA ALA E 284 -15.80 -6.45 24.34
C ALA E 284 -14.57 -5.98 25.11
N THR E 285 -13.47 -6.72 25.03
CA THR E 285 -12.27 -6.34 25.75
C THR E 285 -11.00 -6.16 24.89
N SER E 286 -10.91 -6.85 23.77
CA SER E 286 -9.75 -6.71 22.92
C SER E 286 -10.03 -7.16 21.49
N GLY E 287 -9.00 -7.10 20.64
CA GLY E 287 -9.15 -7.50 19.26
C GLY E 287 -7.98 -7.05 18.41
N VAL E 288 -7.91 -7.56 17.18
CA VAL E 288 -6.84 -7.19 16.27
C VAL E 288 -7.38 -6.17 15.28
N VAL E 289 -7.15 -4.90 15.58
CA VAL E 289 -7.67 -3.82 14.74
C VAL E 289 -6.78 -3.39 13.58
N GLY E 290 -5.62 -4.03 13.43
CA GLY E 290 -4.74 -3.67 12.35
C GLY E 290 -3.34 -4.24 12.52
N TRP E 291 -2.53 -4.14 11.46
CA TRP E 291 -1.17 -4.64 11.53
C TRP E 291 -0.23 -3.61 10.92
N GLY E 292 0.56 -2.97 11.76
CA GLY E 292 1.49 -1.95 11.31
C GLY E 292 2.73 -2.45 10.60
N ASN E 293 3.45 -1.53 9.97
CA ASN E 293 4.68 -1.87 9.24
C ASN E 293 5.87 -1.69 10.16
N MET E 294 6.02 -2.62 11.09
CA MET E 294 7.11 -2.63 12.03
C MET E 294 7.39 -4.09 12.27
N ASP E 295 8.65 -4.46 12.42
CA ASP E 295 8.97 -5.85 12.67
C ASP E 295 8.53 -6.20 14.08
N THR E 296 8.21 -7.46 14.32
CA THR E 296 7.76 -7.87 15.64
C THR E 296 8.93 -8.23 16.56
N ILE E 297 8.89 -7.71 17.79
CA ILE E 297 9.96 -8.02 18.73
C ILE E 297 9.59 -9.29 19.50
N VAL E 298 10.44 -10.29 19.39
CA VAL E 298 10.21 -11.56 20.08
C VAL E 298 11.12 -11.64 21.29
N ILE E 299 10.54 -11.90 22.44
CA ILE E 299 11.32 -12.01 23.67
C ILE E 299 11.07 -13.34 24.33
N ARG E 300 12.15 -14.06 24.63
CA ARG E 300 12.01 -15.33 25.30
C ARG E 300 12.66 -15.28 26.66
N VAL E 301 11.83 -15.27 27.69
CA VAL E 301 12.31 -15.28 29.05
C VAL E 301 12.24 -16.72 29.50
N SER E 302 13.38 -17.35 29.69
CA SER E 302 13.38 -18.74 30.11
C SER E 302 13.74 -18.88 31.58
N ALA E 303 12.76 -19.27 32.38
CA ALA E 303 12.92 -19.46 33.82
C ALA E 303 13.08 -20.95 34.13
N PRO E 304 14.22 -21.34 34.72
CA PRO E 304 14.46 -22.74 35.06
C PRO E 304 13.58 -23.13 36.24
N GLU E 305 13.55 -24.42 36.54
CA GLU E 305 12.76 -24.89 37.66
C GLU E 305 13.34 -24.20 38.90
N GLY E 306 12.47 -23.83 39.84
CA GLY E 306 12.94 -23.19 41.06
C GLY E 306 13.26 -21.71 41.01
N ALA E 307 13.36 -21.15 39.81
CA ALA E 307 13.66 -19.73 39.66
C ALA E 307 12.48 -18.86 40.09
N VAL E 308 12.78 -17.69 40.65
CA VAL E 308 11.76 -16.72 41.04
C VAL E 308 12.08 -15.44 40.26
N ASN E 309 11.65 -15.44 39.01
CA ASN E 309 11.86 -14.32 38.08
C ASN E 309 10.64 -13.44 37.94
N SER E 310 10.73 -12.19 38.39
CA SER E 310 9.62 -11.26 38.23
C SER E 310 10.21 -9.98 37.68
N ALA E 311 9.37 -9.15 37.08
CA ALA E 311 9.83 -7.90 36.52
C ALA E 311 8.68 -6.96 36.27
N ILE E 312 9.01 -5.78 35.77
CA ILE E 312 8.02 -4.80 35.42
C ILE E 312 8.27 -4.60 33.93
N LEU E 313 7.25 -4.82 33.12
CA LEU E 313 7.41 -4.66 31.70
C LEU E 313 6.81 -3.33 31.30
N LYS E 314 7.53 -2.59 30.45
CA LYS E 314 7.05 -1.31 29.98
C LYS E 314 7.05 -1.35 28.46
N ALA E 315 6.02 -0.77 27.86
CA ALA E 315 5.91 -0.74 26.41
C ALA E 315 5.51 0.65 25.95
N TRP E 316 6.13 1.11 24.87
CA TRP E 316 5.85 2.43 24.32
C TRP E 316 5.53 2.36 22.84
N SER E 317 4.52 3.12 22.42
CA SER E 317 4.13 3.19 21.03
C SER E 317 3.60 4.56 20.64
N CYS E 318 4.28 5.19 19.70
CA CYS E 318 3.87 6.49 19.18
C CYS E 318 3.14 6.10 17.89
N ILE E 319 1.84 6.41 17.79
CA ILE E 319 1.08 6.07 16.58
C ILE E 319 0.30 7.28 16.04
N GLU E 320 0.43 7.55 14.75
CA GLU E 320 -0.31 8.64 14.13
C GLU E 320 -1.63 8.06 13.62
N TYR E 321 -2.74 8.50 14.19
CA TYR E 321 -4.07 8.03 13.81
C TYR E 321 -4.86 9.08 13.05
N ARG E 322 -5.58 8.66 12.02
CA ARG E 322 -6.37 9.61 11.25
C ARG E 322 -7.73 9.59 11.93
N PRO E 323 -8.03 10.66 12.65
CA PRO E 323 -9.30 10.80 13.37
C PRO E 323 -10.54 11.10 12.55
N ASN E 324 -11.68 10.63 13.05
CA ASN E 324 -12.96 10.81 12.43
C ASN E 324 -13.54 12.03 13.09
N PRO E 325 -14.22 12.86 12.33
CA PRO E 325 -14.82 14.07 12.87
C PRO E 325 -15.81 13.84 13.98
N ASN E 326 -16.50 12.72 13.97
CA ASN E 326 -17.46 12.45 15.01
C ASN E 326 -16.85 11.97 16.31
N ALA E 327 -15.56 11.69 16.33
CA ALA E 327 -14.91 11.21 17.56
C ALA E 327 -14.40 12.39 18.37
N MET E 328 -14.39 12.27 19.69
CA MET E 328 -13.91 13.35 20.54
C MET E 328 -12.42 13.47 20.45
N LEU E 329 -11.82 12.40 20.01
CA LEU E 329 -10.39 12.28 19.84
C LEU E 329 -9.88 13.29 18.86
N TYR E 330 -10.73 13.67 17.95
CA TYR E 330 -10.43 14.64 16.93
C TYR E 330 -10.01 15.98 17.48
N GLN E 331 -10.54 16.32 18.62
CA GLN E 331 -10.22 17.59 19.26
C GLN E 331 -8.72 17.78 19.40
N PHE E 332 -8.01 16.67 19.53
CA PHE E 332 -6.56 16.72 19.72
C PHE E 332 -5.74 16.47 18.47
N GLY E 333 -6.36 16.64 17.30
CA GLY E 333 -5.63 16.42 16.07
C GLY E 333 -4.71 17.59 15.76
N HIS E 334 -3.88 17.44 14.74
CA HIS E 334 -2.96 18.48 14.32
C HIS E 334 -2.31 17.95 13.06
N ASP E 335 -1.65 18.81 12.30
CA ASP E 335 -1.04 18.32 11.07
C ASP E 335 0.23 17.53 11.37
N SER E 336 0.46 16.45 10.63
CA SER E 336 1.64 15.68 10.87
C SER E 336 2.72 16.68 10.55
N PRO E 337 3.87 16.53 11.17
CA PRO E 337 4.98 17.45 10.93
C PRO E 337 5.46 17.40 9.50
N PRO E 338 6.03 18.50 9.06
CA PRO E 338 6.56 18.67 7.72
C PRO E 338 7.77 17.81 7.48
N LEU E 339 8.08 17.57 6.22
CA LEU E 339 9.21 16.76 5.87
C LEU E 339 10.50 17.28 6.45
N ASP E 340 11.28 16.37 7.01
CA ASP E 340 12.56 16.71 7.62
C ASP E 340 13.53 15.65 7.10
N GLU E 341 14.03 15.88 5.89
CA GLU E 341 14.93 14.96 5.23
C GLU E 341 16.07 14.44 6.10
N VAL E 342 16.60 15.30 6.96
CA VAL E 342 17.70 14.91 7.84
C VAL E 342 17.22 13.90 8.88
N ALA E 343 16.09 14.18 9.50
CA ALA E 343 15.54 13.29 10.52
C ALA E 343 15.26 11.91 9.90
N LEU E 344 14.67 11.91 8.70
CA LEU E 344 14.34 10.66 8.04
C LEU E 344 15.57 9.84 7.71
N GLN E 345 16.65 10.52 7.40
CA GLN E 345 17.87 9.82 7.07
C GLN E 345 18.58 9.31 8.33
N GLU E 346 18.53 10.10 9.39
CA GLU E 346 19.16 9.71 10.64
C GLU E 346 18.40 8.56 11.28
N TYR E 347 17.08 8.56 11.08
CA TYR E 347 16.23 7.51 11.62
C TYR E 347 16.80 6.17 11.12
N ARG E 348 17.00 6.07 9.81
CA ARG E 348 17.53 4.86 9.20
C ARG E 348 18.92 4.52 9.68
N THR E 349 19.78 5.52 9.76
CA THR E 349 21.15 5.29 10.24
C THR E 349 21.17 4.79 11.68
N VAL E 350 20.50 5.51 12.57
CA VAL E 350 20.45 5.13 13.97
C VAL E 350 19.91 3.72 14.18
N ALA E 351 18.81 3.41 13.52
CA ALA E 351 18.20 2.09 13.64
C ALA E 351 19.18 0.98 13.26
N ARG E 352 19.87 1.18 12.14
CA ARG E 352 20.84 0.21 11.65
C ARG E 352 22.06 0.10 12.55
N SER E 353 22.39 1.19 13.22
CA SER E 353 23.56 1.26 14.07
C SER E 353 23.42 0.69 15.48
N LEU E 354 22.21 0.71 16.03
CA LEU E 354 21.97 0.21 17.38
C LEU E 354 22.04 -1.31 17.47
N PRO E 355 22.20 -1.86 18.69
CA PRO E 355 22.26 -3.30 18.93
C PRO E 355 20.84 -3.86 18.87
N VAL E 356 20.70 -5.17 18.82
CA VAL E 356 19.35 -5.76 18.75
C VAL E 356 18.57 -5.26 19.97
N ALA E 357 19.22 -5.38 21.12
CA ALA E 357 18.66 -4.93 22.38
C ALA E 357 19.83 -4.53 23.28
N VAL E 358 19.51 -4.07 24.49
CA VAL E 358 20.54 -3.65 25.44
C VAL E 358 20.04 -4.01 26.80
N ILE E 359 20.92 -4.14 27.77
CA ILE E 359 20.45 -4.47 29.11
C ILE E 359 19.63 -3.33 29.69
N ALA E 360 18.75 -3.64 30.64
CA ALA E 360 17.87 -2.65 31.26
C ALA E 360 18.53 -1.36 31.70
N ALA E 361 19.67 -1.47 32.35
CA ALA E 361 20.38 -0.30 32.84
C ALA E 361 20.77 0.72 31.76
N GLN E 362 20.68 0.34 30.48
CA GLN E 362 21.05 1.25 29.39
C GLN E 362 19.91 1.74 28.52
N ASN E 363 18.70 1.76 29.08
CA ASN E 363 17.54 2.21 28.35
C ASN E 363 17.50 3.72 28.25
N ALA F 1 26.03 4.84 29.36
CA ALA F 1 25.43 5.57 28.20
C ALA F 1 23.95 5.26 28.06
N SER F 2 23.10 6.18 28.52
CA SER F 2 21.66 5.99 28.39
C SER F 2 21.40 5.87 26.90
N MET F 3 20.27 5.29 26.53
CA MET F 3 19.94 5.11 25.14
C MET F 3 20.03 6.42 24.35
N TRP F 4 19.42 7.48 24.89
CA TRP F 4 19.45 8.77 24.20
C TRP F 4 20.87 9.22 23.92
N GLU F 5 21.75 9.05 24.90
CA GLU F 5 23.13 9.44 24.74
C GLU F 5 23.74 8.63 23.62
N ARG F 6 23.55 7.32 23.68
CA ARG F 6 24.08 6.44 22.65
C ARG F 6 23.57 6.89 21.27
N VAL F 7 22.32 7.32 21.21
CA VAL F 7 21.72 7.77 19.97
C VAL F 7 22.30 9.09 19.47
N LYS F 8 22.38 10.09 20.36
CA LYS F 8 22.91 11.40 19.99
C LYS F 8 24.29 11.28 19.38
N SER F 9 25.13 10.46 20.00
CA SER F 9 26.48 10.30 19.50
C SER F 9 26.46 9.69 18.09
N ILE F 10 25.57 8.74 17.84
CA ILE F 10 25.47 8.10 16.52
C ILE F 10 25.10 9.15 15.48
N ILE F 11 24.20 10.05 15.87
CA ILE F 11 23.74 11.11 14.98
C ILE F 11 24.87 12.08 14.70
N LYS F 12 25.44 12.65 15.76
CA LYS F 12 26.54 13.60 15.61
C LYS F 12 27.67 12.93 14.83
N SER F 13 27.96 11.69 15.17
CA SER F 13 29.01 10.95 14.47
C SER F 13 28.65 10.81 13.00
N SER F 14 27.37 10.58 12.71
CA SER F 14 26.91 10.43 11.34
C SER F 14 26.91 11.75 10.59
N LEU F 15 26.33 12.79 11.20
CA LEU F 15 26.26 14.12 10.60
C LEU F 15 27.65 14.68 10.34
N ALA F 16 28.62 14.28 11.16
CA ALA F 16 29.99 14.75 11.02
C ALA F 16 30.72 14.02 9.90
N ALA F 17 30.69 12.69 9.94
CA ALA F 17 31.35 11.86 8.92
C ALA F 17 30.75 12.12 7.54
N ALA F 18 29.64 12.85 7.50
CA ALA F 18 28.96 13.18 6.25
C ALA F 18 29.27 14.60 5.79
N SER F 19 30.07 15.31 6.58
CA SER F 19 30.47 16.69 6.24
C SER F 19 31.81 16.69 5.49
N ASN F 20 32.30 15.49 5.18
CA ASN F 20 33.56 15.32 4.46
C ASN F 20 33.32 15.39 2.94
#